data_5YWE
#
_entry.id   5YWE
#
_cell.length_a   47.429
_cell.length_b   48.200
_cell.length_c   88.969
_cell.angle_alpha   95.820
_cell.angle_beta   90.080
_cell.angle_gamma   89.970
#
_symmetry.space_group_name_H-M   'P 1'
#
loop_
_entity.id
_entity.type
_entity.pdbx_description
1 polymer 'Hematopoietic prostaglandin D synthase'
2 non-polymer GLUTATHIONE
3 non-polymer GLYCEROL
4 non-polymer 'MAGNESIUM ION'
5 water water
#
_entity_poly.entity_id   1
_entity_poly.type   'polypeptide(L)'
_entity_poly.pdbx_seq_one_letter_code
;PNYKLTYFNMRGRAEIIRYIFAYLDIQYEDHRIEQADWPEIKSTLPFGKIPILEVDGLTLHQSLAIARYLTKNTDLAGNT
EMEQCHVDAIVDTLDDFMSCFPWAEKKQDVKEQMFNELLTYNAPHLMQDLDTYLGGREWLIGNSVTWADFYWEICSTTLL
VFKPDLLDNHPRLVTLRKKVQAIPAVANWIKRRPQTKL
;
_entity_poly.pdbx_strand_id   A,B,C,D
#
loop_
_chem_comp.id
_chem_comp.type
_chem_comp.name
_chem_comp.formula
GOL non-polymer GLYCEROL 'C3 H8 O3'
GSH non-polymer GLUTATHIONE 'C10 H17 N3 O6 S'
MG non-polymer 'MAGNESIUM ION' 'Mg 2'
#
# COMPACT_ATOMS: atom_id res chain seq x y z
N PRO A 1 24.34 -22.41 -6.83
CA PRO A 1 24.04 -22.16 -8.23
C PRO A 1 23.69 -20.71 -8.50
N ASN A 2 23.52 -20.39 -9.78
CA ASN A 2 22.93 -19.14 -10.22
C ASN A 2 21.40 -19.34 -10.28
N TYR A 3 20.66 -18.39 -9.70
CA TYR A 3 19.20 -18.42 -9.61
C TYR A 3 18.59 -17.25 -10.43
N LYS A 4 17.59 -17.51 -11.26
CA LYS A 4 16.84 -16.44 -11.90
C LYS A 4 15.36 -16.73 -11.71
N LEU A 5 14.69 -15.86 -10.97
CA LEU A 5 13.25 -15.97 -10.71
C LEU A 5 12.53 -15.11 -11.73
N THR A 6 11.57 -15.68 -12.46
CA THR A 6 10.76 -14.91 -13.40
C THR A 6 9.30 -14.84 -12.95
N TYR A 7 8.79 -13.62 -12.79
CA TYR A 7 7.40 -13.38 -12.42
C TYR A 7 7.03 -11.99 -12.94
N PHE A 8 5.76 -11.62 -12.76
CA PHE A 8 5.31 -10.27 -13.01
C PHE A 8 5.87 -9.35 -11.93
N ASN A 9 5.75 -8.05 -12.16
CA ASN A 9 6.04 -7.06 -11.14
C ASN A 9 4.87 -6.97 -10.15
N MET A 10 4.85 -7.93 -9.24
CA MET A 10 3.81 -8.13 -8.26
C MET A 10 4.42 -8.99 -7.18
N ARG A 11 3.85 -8.95 -5.99
CA ARG A 11 4.20 -9.95 -4.98
C ARG A 11 3.67 -11.30 -5.43
N GLY A 12 2.34 -11.44 -5.42
CA GLY A 12 1.68 -12.60 -5.98
C GLY A 12 2.27 -13.91 -5.55
N ARG A 13 2.40 -14.82 -6.50
CA ARG A 13 2.86 -16.18 -6.22
C ARG A 13 4.38 -16.32 -6.16
N ALA A 14 5.11 -15.25 -6.46
CA ALA A 14 6.56 -15.26 -6.37
C ALA A 14 7.03 -14.87 -4.99
N GLU A 15 6.20 -14.15 -4.25
CA GLU A 15 6.68 -13.50 -3.04
C GLU A 15 7.23 -14.47 -2.00
N ILE A 16 6.64 -15.65 -1.89
CA ILE A 16 7.13 -16.62 -0.93
C ILE A 16 8.59 -17.00 -1.22
N ILE A 17 8.91 -17.09 -2.50
CA ILE A 17 10.28 -17.41 -2.93
C ILE A 17 11.19 -16.25 -2.58
N ARG A 18 10.71 -15.04 -2.78
CA ARG A 18 11.48 -13.81 -2.52
C ARG A 18 11.81 -13.70 -1.01
N TYR A 19 10.85 -14.05 -0.15
CA TYR A 19 11.10 -14.00 1.30
C TYR A 19 12.15 -15.04 1.68
N ILE A 20 12.08 -16.21 1.05
CA ILE A 20 13.01 -17.29 1.43
C ILE A 20 14.44 -16.89 1.04
N PHE A 21 14.61 -16.33 -0.17
CA PHE A 21 15.93 -15.87 -0.61
C PHE A 21 16.43 -14.78 0.34
N ALA A 22 15.54 -13.86 0.75
CA ALA A 22 15.94 -12.79 1.67
C ALA A 22 16.37 -13.36 3.02
N TYR A 23 15.58 -14.27 3.56
CA TYR A 23 15.85 -14.80 4.90
C TYR A 23 17.17 -15.58 4.90
N LEU A 24 17.38 -16.35 3.86
CA LEU A 24 18.58 -17.16 3.73
C LEU A 24 19.80 -16.38 3.25
N ASP A 25 19.63 -15.11 2.88
CA ASP A 25 20.70 -14.25 2.36
C ASP A 25 21.36 -14.89 1.15
N ILE A 26 20.52 -15.25 0.19
CA ILE A 26 20.91 -15.84 -1.06
C ILE A 26 20.65 -14.83 -2.20
N GLN A 27 21.70 -14.58 -2.97
CA GLN A 27 21.57 -13.70 -4.10
C GLN A 27 20.83 -14.40 -5.22
N TYR A 28 20.01 -13.64 -5.94
CA TYR A 28 19.28 -14.16 -7.09
C TYR A 28 18.91 -12.98 -8.00
N GLU A 29 18.60 -13.28 -9.25
CA GLU A 29 18.07 -12.29 -10.19
C GLU A 29 16.54 -12.30 -10.07
N ASP A 30 16.00 -11.18 -9.64
CA ASP A 30 14.57 -11.03 -9.47
C ASP A 30 14.01 -10.41 -10.76
N HIS A 31 13.73 -11.27 -11.73
CA HIS A 31 13.33 -10.80 -13.07
C HIS A 31 11.84 -10.56 -13.11
N ARG A 32 11.45 -9.30 -13.31
CA ARG A 32 10.06 -8.92 -13.32
C ARG A 32 9.67 -8.51 -14.72
N ILE A 33 8.70 -9.21 -15.27
CA ILE A 33 8.26 -8.98 -16.64
C ILE A 33 7.00 -8.14 -16.66
N GLU A 34 6.76 -7.50 -17.80
CA GLU A 34 5.54 -6.77 -18.06
C GLU A 34 4.59 -7.66 -18.86
N GLN A 35 3.32 -7.32 -18.86
CA GLN A 35 2.33 -8.06 -19.63
C GLN A 35 2.79 -8.20 -21.07
N ALA A 36 3.31 -7.11 -21.62
CA ALA A 36 3.78 -7.08 -23.01
C ALA A 36 4.84 -8.13 -23.34
N ASP A 37 5.57 -8.59 -22.32
CA ASP A 37 6.60 -9.63 -22.44
C ASP A 37 6.02 -11.04 -22.44
N TRP A 38 4.79 -11.16 -21.96
CA TRP A 38 4.24 -12.46 -21.51
C TRP A 38 4.20 -13.53 -22.63
N PRO A 39 3.59 -13.21 -23.78
CA PRO A 39 3.54 -14.24 -24.81
C PRO A 39 4.90 -14.86 -25.14
N GLU A 40 5.94 -14.04 -25.24
CA GLU A 40 7.25 -14.51 -25.65
C GLU A 40 7.82 -15.41 -24.56
N ILE A 41 7.64 -14.95 -23.32
CA ILE A 41 8.14 -15.70 -22.17
C ILE A 41 7.36 -17.01 -21.97
N LYS A 42 6.04 -16.95 -22.14
CA LYS A 42 5.19 -18.11 -21.90
C LYS A 42 5.57 -19.29 -22.78
N SER A 43 5.96 -18.97 -24.02
CA SER A 43 6.32 -19.99 -25.00
C SER A 43 7.49 -20.86 -24.56
N THR A 44 8.29 -20.39 -23.62
CA THR A 44 9.43 -21.15 -23.11
C THR A 44 9.09 -22.00 -21.86
N LEU A 45 7.98 -21.71 -21.19
CA LEU A 45 7.66 -22.29 -19.89
C LEU A 45 7.10 -23.71 -20.03
N PRO A 46 7.30 -24.56 -19.00
CA PRO A 46 6.90 -25.96 -19.13
C PRO A 46 5.39 -26.14 -19.14
N PHE A 47 4.70 -25.36 -18.31
CA PHE A 47 3.26 -25.49 -18.21
C PHE A 47 2.57 -24.17 -18.40
N GLY A 48 3.27 -23.27 -19.09
CA GLY A 48 2.73 -21.95 -19.46
C GLY A 48 2.41 -21.06 -18.29
N LYS A 49 3.12 -21.23 -17.18
CA LYS A 49 2.79 -20.50 -15.96
C LYS A 49 4.02 -19.99 -15.25
N ILE A 50 3.88 -18.85 -14.59
CA ILE A 50 4.94 -18.28 -13.73
C ILE A 50 4.39 -18.24 -12.31
N PRO A 51 5.25 -18.22 -11.30
CA PRO A 51 6.73 -18.12 -11.41
C PRO A 51 7.44 -19.35 -11.91
N ILE A 52 8.63 -19.13 -12.46
CA ILE A 52 9.61 -20.19 -12.63
C ILE A 52 10.91 -19.73 -11.98
N LEU A 53 11.72 -20.69 -11.59
CA LEU A 53 13.06 -20.42 -11.08
C LEU A 53 14.04 -21.24 -11.89
N GLU A 54 14.95 -20.55 -12.58
CA GLU A 54 16.03 -21.19 -13.31
C GLU A 54 17.21 -21.36 -12.37
N VAL A 55 17.73 -22.59 -12.31
CA VAL A 55 18.80 -22.95 -11.39
C VAL A 55 19.92 -23.58 -12.22
N ASP A 56 21.07 -22.93 -12.30
CA ASP A 56 22.15 -23.33 -13.24
C ASP A 56 21.60 -23.90 -14.57
N GLY A 57 20.70 -23.14 -15.19
CA GLY A 57 20.23 -23.45 -16.55
C GLY A 57 19.06 -24.41 -16.66
N LEU A 58 18.58 -24.92 -15.54
CA LEU A 58 17.43 -25.82 -15.51
C LEU A 58 16.24 -25.11 -14.88
N THR A 59 15.06 -25.37 -15.42
CA THR A 59 13.86 -24.66 -14.99
C THR A 59 13.06 -25.46 -13.97
N LEU A 60 12.80 -24.81 -12.85
CA LEU A 60 11.80 -25.26 -11.88
C LEU A 60 10.54 -24.41 -12.03
N HIS A 61 9.38 -25.01 -11.76
CA HIS A 61 8.14 -24.29 -11.74
C HIS A 61 7.30 -24.70 -10.50
N GLN A 62 6.19 -23.99 -10.30
CA GLN A 62 5.26 -24.13 -9.18
C GLN A 62 5.81 -23.49 -7.93
N SER A 63 5.25 -22.34 -7.57
CA SER A 63 5.76 -21.52 -6.48
C SER A 63 6.05 -22.28 -5.21
N LEU A 64 5.13 -23.15 -4.78
CA LEU A 64 5.30 -23.86 -3.51
C LEU A 64 6.30 -25.02 -3.63
N ALA A 65 6.33 -25.69 -4.77
CA ALA A 65 7.39 -26.68 -5.03
C ALA A 65 8.78 -26.03 -4.93
N ILE A 66 8.92 -24.86 -5.51
CA ILE A 66 10.18 -24.12 -5.48
C ILE A 66 10.51 -23.69 -4.05
N ALA A 67 9.52 -23.13 -3.37
CA ALA A 67 9.68 -22.73 -1.96
C ALA A 67 10.21 -23.91 -1.14
N ARG A 68 9.60 -25.09 -1.32
CA ARG A 68 9.97 -26.26 -0.55
C ARG A 68 11.39 -26.66 -0.87
N TYR A 69 11.77 -26.55 -2.13
CA TYR A 69 13.12 -26.91 -2.58
C TYR A 69 14.16 -26.01 -1.89
N LEU A 70 13.88 -24.72 -1.86
CA LEU A 70 14.81 -23.72 -1.35
C LEU A 70 14.98 -23.86 0.17
N THR A 71 13.94 -24.36 0.83
CA THR A 71 13.99 -24.46 2.29
C THR A 71 14.50 -25.80 2.80
N LYS A 72 14.71 -26.76 1.89
CA LYS A 72 15.21 -28.07 2.30
C LYS A 72 16.60 -27.91 2.92
N ASN A 73 16.83 -28.61 4.03
CA ASN A 73 18.07 -28.52 4.78
C ASN A 73 18.35 -27.13 5.36
N THR A 74 17.29 -26.34 5.59
CA THR A 74 17.40 -25.04 6.28
C THR A 74 16.50 -25.07 7.49
N ASP A 75 16.66 -24.08 8.36
CA ASP A 75 15.85 -23.95 9.57
C ASP A 75 14.41 -23.52 9.27
N LEU A 76 14.13 -23.13 8.02
CA LEU A 76 12.76 -22.79 7.63
C LEU A 76 11.85 -23.96 7.34
N ALA A 77 12.43 -25.16 7.18
CA ALA A 77 11.67 -26.31 6.69
C ALA A 77 10.67 -26.94 7.66
N GLY A 78 10.92 -26.83 8.96
CA GLY A 78 10.30 -27.70 9.96
C GLY A 78 11.37 -28.67 10.46
N ASN A 79 11.37 -28.94 11.76
CA ASN A 79 12.48 -29.65 12.40
C ASN A 79 12.40 -31.18 12.29
N THR A 80 11.23 -31.69 11.96
CA THR A 80 10.97 -33.13 11.85
C THR A 80 10.17 -33.39 10.59
N GLU A 81 10.13 -34.63 10.13
CA GLU A 81 9.27 -34.98 8.99
C GLU A 81 7.80 -34.70 9.27
N MET A 82 7.39 -34.91 10.51
CA MET A 82 6.04 -34.61 10.90
C MET A 82 5.76 -33.11 10.79
N GLU A 83 6.66 -32.29 11.32
CA GLU A 83 6.47 -30.84 11.27
C GLU A 83 6.55 -30.34 9.83
N GLN A 84 7.40 -30.95 9.01
CA GLN A 84 7.47 -30.60 7.58
C GLN A 84 6.12 -30.86 6.90
N CYS A 85 5.45 -31.92 7.32
CA CYS A 85 4.10 -32.21 6.83
C CYS A 85 3.11 -31.12 7.27
N HIS A 86 3.17 -30.71 8.53
CA HIS A 86 2.31 -29.64 9.03
C HIS A 86 2.57 -28.33 8.25
N VAL A 87 3.83 -28.05 7.95
CA VAL A 87 4.20 -26.86 7.19
C VAL A 87 3.54 -26.90 5.83
N ASP A 88 3.69 -28.04 5.15
CA ASP A 88 3.09 -28.22 3.83
C ASP A 88 1.58 -28.08 3.91
N ALA A 89 0.98 -28.69 4.93
CA ALA A 89 -0.47 -28.71 5.02
C ALA A 89 -1.03 -27.30 5.27
N ILE A 90 -0.40 -26.53 6.16
CA ILE A 90 -0.83 -25.14 6.41
C ILE A 90 -0.70 -24.31 5.13
N VAL A 91 0.43 -24.44 4.44
CA VAL A 91 0.64 -23.72 3.18
C VAL A 91 -0.45 -24.06 2.15
N ASP A 92 -0.74 -25.35 1.96
CA ASP A 92 -1.78 -25.74 0.99
C ASP A 92 -3.18 -25.26 1.40
N THR A 93 -3.46 -25.24 2.71
CA THR A 93 -4.74 -24.70 3.19
C THR A 93 -4.89 -23.21 2.81
N LEU A 94 -3.82 -22.45 3.05
CA LEU A 94 -3.82 -21.04 2.70
C LEU A 94 -3.94 -20.89 1.20
N ASP A 95 -3.15 -21.66 0.46
CA ASP A 95 -3.14 -21.56 -0.98
C ASP A 95 -4.50 -21.93 -1.60
N ASP A 96 -5.13 -22.98 -1.06
CA ASP A 96 -6.47 -23.38 -1.50
C ASP A 96 -7.46 -22.22 -1.42
N PHE A 97 -7.39 -21.46 -0.33
CA PHE A 97 -8.29 -20.33 -0.17
C PHE A 97 -7.97 -19.19 -1.11
N MET A 98 -6.69 -18.86 -1.27
CA MET A 98 -6.28 -17.82 -2.20
C MET A 98 -6.73 -18.15 -3.62
N SER A 99 -6.76 -19.45 -3.95
CA SER A 99 -7.13 -19.88 -5.29
C SER A 99 -8.64 -19.83 -5.54
N CYS A 100 -9.46 -19.68 -4.50
CA CYS A 100 -10.92 -19.42 -4.65
C CYS A 100 -11.26 -18.08 -5.30
N PHE A 101 -10.33 -17.12 -5.24
CA PHE A 101 -10.64 -15.76 -5.69
C PHE A 101 -10.50 -15.68 -7.20
N PRO A 102 -11.46 -15.01 -7.86
CA PRO A 102 -11.48 -14.86 -9.33
C PRO A 102 -10.55 -13.75 -9.80
N TRP A 103 -9.24 -13.96 -9.63
CA TRP A 103 -8.25 -12.91 -9.89
C TRP A 103 -8.28 -12.47 -11.35
N ALA A 104 -8.67 -13.38 -12.26
CA ALA A 104 -8.65 -13.09 -13.70
C ALA A 104 -9.99 -12.64 -14.28
N GLU A 105 -11.03 -12.58 -13.44
CA GLU A 105 -12.37 -12.19 -13.89
C GLU A 105 -12.34 -10.77 -14.47
N LYS A 106 -12.85 -10.63 -15.69
CA LYS A 106 -12.82 -9.36 -16.41
C LYS A 106 -13.98 -8.45 -16.01
N LYS A 107 -15.16 -9.04 -15.78
CA LYS A 107 -16.33 -8.26 -15.36
C LYS A 107 -16.11 -7.78 -13.93
N GLN A 108 -15.82 -6.49 -13.78
CA GLN A 108 -15.41 -5.94 -12.49
C GLN A 108 -16.48 -6.03 -11.42
N ASP A 109 -17.75 -5.89 -11.81
CA ASP A 109 -18.87 -5.98 -10.86
C ASP A 109 -19.03 -7.40 -10.30
N VAL A 110 -18.86 -8.39 -11.17
CA VAL A 110 -18.92 -9.79 -10.76
C VAL A 110 -17.72 -10.13 -9.88
N LYS A 111 -16.55 -9.68 -10.28
CA LYS A 111 -15.32 -9.92 -9.51
C LYS A 111 -15.47 -9.39 -8.09
N GLU A 112 -15.92 -8.15 -7.97
CA GLU A 112 -16.07 -7.50 -6.69
C GLU A 112 -17.05 -8.22 -5.78
N GLN A 113 -18.22 -8.56 -6.33
CA GLN A 113 -19.22 -9.30 -5.59
C GLN A 113 -18.65 -10.61 -5.03
N MET A 114 -17.94 -11.34 -5.87
CA MET A 114 -17.38 -12.62 -5.47
C MET A 114 -16.33 -12.45 -4.39
N PHE A 115 -15.44 -11.48 -4.57
CA PHE A 115 -14.43 -11.16 -3.53
C PHE A 115 -15.14 -10.88 -2.21
N ASN A 116 -16.18 -10.04 -2.23
CA ASN A 116 -16.84 -9.62 -0.99
C ASN A 116 -17.57 -10.77 -0.32
N GLU A 117 -18.21 -11.62 -1.12
CA GLU A 117 -18.82 -12.84 -0.60
C GLU A 117 -17.78 -13.78 0.04
N LEU A 118 -16.70 -14.06 -0.66
CA LEU A 118 -15.65 -14.94 -0.09
C LEU A 118 -15.08 -14.37 1.21
N LEU A 119 -14.85 -13.07 1.24
CA LEU A 119 -14.23 -12.44 2.42
C LEU A 119 -15.19 -12.31 3.60
N THR A 120 -16.49 -12.25 3.32
CA THR A 120 -17.49 -12.09 4.36
C THR A 120 -18.02 -13.43 4.85
N TYR A 121 -18.31 -14.35 3.93
CA TYR A 121 -18.98 -15.62 4.30
C TYR A 121 -18.04 -16.80 4.51
N ASN A 122 -16.87 -16.78 3.86
CA ASN A 122 -15.98 -17.93 3.86
C ASN A 122 -14.74 -17.69 4.71
N ALA A 123 -14.09 -16.54 4.51
CA ALA A 123 -12.84 -16.23 5.23
C ALA A 123 -12.92 -16.36 6.77
N PRO A 124 -14.01 -15.89 7.41
CA PRO A 124 -14.02 -15.98 8.88
C PRO A 124 -13.83 -17.39 9.44
N HIS A 125 -14.34 -18.39 8.73
CA HIS A 125 -14.19 -19.77 9.12
C HIS A 125 -12.72 -20.21 9.07
N LEU A 126 -12.03 -19.79 8.02
CA LEU A 126 -10.60 -20.08 7.89
C LEU A 126 -9.82 -19.34 8.97
N MET A 127 -10.14 -18.07 9.18
CA MET A 127 -9.44 -17.29 10.19
C MET A 127 -9.60 -17.95 11.56
N GLN A 128 -10.81 -18.42 11.89
CA GLN A 128 -10.99 -19.09 13.18
C GLN A 128 -10.22 -20.40 13.26
N ASP A 129 -10.25 -21.19 12.20
CA ASP A 129 -9.50 -22.44 12.17
C ASP A 129 -7.99 -22.16 12.36
N LEU A 130 -7.46 -21.12 11.72
CA LEU A 130 -6.02 -20.78 11.83
C LEU A 130 -5.68 -20.32 13.23
N ASP A 131 -6.52 -19.46 13.78
CA ASP A 131 -6.34 -18.99 15.15
C ASP A 131 -6.32 -20.14 16.15
N THR A 132 -7.28 -21.05 16.01
CA THR A 132 -7.39 -22.19 16.92
C THR A 132 -6.17 -23.10 16.76
N TYR A 133 -5.71 -23.27 15.54
CA TYR A 133 -4.50 -24.05 15.24
C TYR A 133 -3.25 -23.43 15.88
N LEU A 134 -3.12 -22.11 15.78
CA LEU A 134 -1.97 -21.42 16.37
C LEU A 134 -2.02 -21.47 17.90
N GLY A 135 -3.21 -21.34 18.45
CA GLY A 135 -3.37 -21.31 19.91
C GLY A 135 -2.50 -20.22 20.47
N GLY A 136 -1.83 -20.52 21.58
CA GLY A 136 -0.99 -19.51 22.22
C GLY A 136 0.47 -19.57 21.81
N ARG A 137 0.77 -20.38 20.79
CA ARG A 137 2.17 -20.58 20.35
C ARG A 137 2.71 -19.38 19.58
N GLU A 138 4.03 -19.29 19.57
CA GLU A 138 4.74 -18.19 18.95
C GLU A 138 4.66 -18.25 17.42
N TRP A 139 4.81 -19.45 16.89
CA TRP A 139 4.80 -19.69 15.44
C TRP A 139 3.81 -20.81 15.11
N LEU A 140 3.36 -20.87 13.86
CA LEU A 140 2.41 -21.89 13.47
C LEU A 140 2.88 -23.33 13.71
N ILE A 141 4.14 -23.62 13.39
CA ILE A 141 4.74 -24.96 13.56
C ILE A 141 6.06 -24.92 14.33
N GLY A 142 6.17 -25.78 15.36
CA GLY A 142 7.43 -25.93 16.08
C GLY A 142 7.72 -24.73 16.96
N ASN A 143 9.00 -24.55 17.28
CA ASN A 143 9.40 -23.52 18.22
C ASN A 143 10.09 -22.37 17.53
N SER A 144 10.13 -22.39 16.18
CA SER A 144 10.82 -21.35 15.45
C SER A 144 10.13 -21.13 14.10
N VAL A 145 10.46 -20.02 13.48
CA VAL A 145 9.77 -19.59 12.26
C VAL A 145 9.95 -20.60 11.14
N THR A 146 8.91 -20.80 10.32
CA THR A 146 9.03 -21.65 9.15
C THR A 146 8.45 -20.86 8.00
N TRP A 147 8.60 -21.39 6.81
CA TRP A 147 8.05 -20.71 5.65
C TRP A 147 6.53 -20.74 5.65
N ALA A 148 5.89 -21.57 6.47
CA ALA A 148 4.42 -21.46 6.67
C ALA A 148 4.04 -20.10 7.31
N ASP A 149 4.82 -19.64 8.30
CA ASP A 149 4.63 -18.31 8.86
C ASP A 149 4.77 -17.21 7.81
N PHE A 150 5.78 -17.35 6.95
CA PHE A 150 5.97 -16.43 5.86
C PHE A 150 4.75 -16.44 4.97
N TYR A 151 4.25 -17.63 4.64
CA TYR A 151 3.13 -17.67 3.69
C TYR A 151 1.89 -17.06 4.34
N TRP A 152 1.72 -17.27 5.65
CA TRP A 152 0.60 -16.61 6.34
C TRP A 152 0.69 -15.08 6.18
N GLU A 153 1.86 -14.52 6.42
CA GLU A 153 2.02 -13.09 6.33
C GLU A 153 1.80 -12.58 4.90
N ILE A 154 2.25 -13.34 3.92
CA ILE A 154 2.10 -12.96 2.52
C ILE A 154 0.63 -13.00 2.10
N CYS A 155 -0.04 -14.11 2.39
CA CYS A 155 -1.45 -14.25 2.01
C CYS A 155 -2.32 -13.23 2.72
N SER A 156 -2.09 -13.04 4.02
CA SER A 156 -2.90 -12.09 4.81
C SER A 156 -2.67 -10.65 4.34
N THR A 157 -1.48 -10.35 3.86
CA THR A 157 -1.21 -9.01 3.36
C THR A 157 -2.14 -8.69 2.20
N THR A 158 -2.31 -9.64 1.32
CA THR A 158 -3.16 -9.43 0.15
C THR A 158 -4.63 -9.43 0.54
N LEU A 159 -5.02 -10.34 1.44
CA LEU A 159 -6.41 -10.41 1.89
C LEU A 159 -6.82 -9.11 2.58
N LEU A 160 -5.92 -8.56 3.37
CA LEU A 160 -6.19 -7.30 4.08
C LEU A 160 -6.45 -6.11 3.13
N VAL A 161 -5.91 -6.16 1.91
CA VAL A 161 -6.14 -5.08 0.93
C VAL A 161 -7.65 -5.03 0.64
N PHE A 162 -8.28 -6.18 0.56
CA PHE A 162 -9.67 -6.24 0.15
C PHE A 162 -10.63 -6.33 1.31
N LYS A 163 -10.13 -6.68 2.51
CA LYS A 163 -10.95 -6.82 3.68
C LYS A 163 -10.13 -6.34 4.87
N PRO A 164 -10.08 -5.03 5.06
CA PRO A 164 -9.26 -4.48 6.14
C PRO A 164 -9.52 -5.00 7.54
N ASP A 165 -10.77 -5.39 7.85
CA ASP A 165 -11.13 -5.85 9.19
C ASP A 165 -10.99 -7.38 9.38
N LEU A 166 -10.36 -8.05 8.42
CA LEU A 166 -10.24 -9.51 8.37
C LEU A 166 -9.84 -10.11 9.70
N LEU A 167 -8.91 -9.44 10.39
CA LEU A 167 -8.28 -9.99 11.59
C LEU A 167 -8.66 -9.25 12.86
N ASP A 168 -9.75 -8.48 12.82
CA ASP A 168 -10.15 -7.71 13.99
C ASP A 168 -10.56 -8.60 15.17
N ASN A 169 -11.03 -9.82 14.90
CA ASN A 169 -11.36 -10.81 15.95
C ASN A 169 -10.22 -11.77 16.25
N HIS A 170 -9.05 -11.56 15.65
CA HIS A 170 -7.95 -12.54 15.72
C HIS A 170 -6.62 -11.84 15.95
N PRO A 171 -6.50 -11.17 17.12
CA PRO A 171 -5.27 -10.44 17.45
C PRO A 171 -4.03 -11.34 17.41
N ARG A 172 -4.19 -12.63 17.71
CA ARG A 172 -3.06 -13.56 17.71
C ARG A 172 -2.47 -13.76 16.30
N LEU A 173 -3.34 -13.72 15.28
CA LEU A 173 -2.89 -13.77 13.89
C LEU A 173 -2.23 -12.47 13.42
N VAL A 174 -2.59 -11.34 14.03
CA VAL A 174 -1.89 -10.10 13.76
C VAL A 174 -0.50 -10.12 14.38
N THR A 175 -0.40 -10.60 15.62
CA THR A 175 0.89 -10.69 16.27
C THR A 175 1.84 -11.55 15.45
N LEU A 176 1.33 -12.65 14.90
CA LEU A 176 2.18 -13.51 14.05
C LEU A 176 2.71 -12.76 12.81
N ARG A 177 1.84 -12.04 12.10
CA ARG A 177 2.24 -11.17 11.00
C ARG A 177 3.34 -10.20 11.40
N LYS A 178 3.15 -9.54 12.54
CA LYS A 178 4.14 -8.59 13.03
C LYS A 178 5.48 -9.25 13.34
N LYS A 179 5.43 -10.47 13.86
CA LYS A 179 6.65 -11.20 14.18
C LYS A 179 7.43 -11.56 12.95
N VAL A 180 6.73 -11.98 11.89
CA VAL A 180 7.38 -12.22 10.60
C VAL A 180 8.00 -10.93 10.04
N GLN A 181 7.25 -9.84 10.12
CA GLN A 181 7.67 -8.56 9.55
C GLN A 181 8.85 -7.95 10.30
N ALA A 182 9.07 -8.40 11.53
CA ALA A 182 10.16 -7.92 12.40
C ALA A 182 11.47 -8.67 12.19
N ILE A 183 11.42 -9.86 11.62
CA ILE A 183 12.65 -10.59 11.31
C ILE A 183 13.53 -9.68 10.43
N PRO A 184 14.77 -9.40 10.87
CA PRO A 184 15.50 -8.36 10.16
C PRO A 184 15.62 -8.49 8.63
N ALA A 185 15.95 -9.68 8.13
CA ALA A 185 16.10 -9.87 6.71
C ALA A 185 14.79 -9.67 5.99
N VAL A 186 13.71 -10.04 6.66
CA VAL A 186 12.38 -9.94 6.06
C VAL A 186 11.95 -8.48 6.08
N ALA A 187 12.13 -7.81 7.22
CA ALA A 187 11.87 -6.38 7.30
C ALA A 187 12.58 -5.58 6.20
N ASN A 188 13.83 -5.92 5.94
CA ASN A 188 14.63 -5.25 4.93
C ASN A 188 14.06 -5.43 3.53
N TRP A 189 13.67 -6.67 3.20
CA TRP A 189 13.04 -6.97 1.92
C TRP A 189 11.71 -6.23 1.76
N ILE A 190 10.87 -6.27 2.80
CA ILE A 190 9.57 -5.60 2.80
C ILE A 190 9.73 -4.09 2.56
N LYS A 191 10.72 -3.50 3.19
CA LYS A 191 11.01 -2.08 3.02
C LYS A 191 11.48 -1.73 1.59
N ARG A 192 12.27 -2.60 0.96
CA ARG A 192 12.94 -2.27 -0.31
C ARG A 192 12.23 -2.77 -1.54
N ARG A 193 11.33 -3.73 -1.38
CA ARG A 193 10.68 -4.37 -2.55
C ARG A 193 9.84 -3.36 -3.32
N PRO A 194 9.58 -3.61 -4.60
CA PRO A 194 8.69 -2.70 -5.33
C PRO A 194 7.29 -2.67 -4.73
N GLN A 195 6.70 -1.48 -4.62
CA GLN A 195 5.36 -1.36 -4.08
C GLN A 195 4.32 -1.62 -5.14
N THR A 196 3.61 -2.73 -4.97
CA THR A 196 2.59 -3.16 -5.92
C THR A 196 1.32 -3.46 -5.14
N LYS A 197 0.18 -3.34 -5.81
CA LYS A 197 -1.09 -3.62 -5.17
C LYS A 197 -1.15 -5.07 -4.68
N LEU A 198 -0.85 -6.00 -5.60
CA LEU A 198 -0.92 -7.43 -5.32
C LEU A 198 0.45 -8.06 -5.26
N PRO B 1 4.02 -47.94 11.41
CA PRO B 1 3.17 -47.02 12.18
C PRO B 1 1.71 -47.39 12.09
N ASN B 2 0.89 -46.89 13.00
CA ASN B 2 -0.55 -47.13 12.94
C ASN B 2 -1.27 -46.04 12.13
N TYR B 3 -1.79 -46.41 10.96
CA TYR B 3 -2.36 -45.45 10.00
C TYR B 3 -3.86 -45.62 9.84
N LYS B 4 -4.60 -44.54 10.03
CA LYS B 4 -6.02 -44.49 9.71
C LYS B 4 -6.34 -43.32 8.76
N LEU B 5 -6.77 -43.65 7.55
CA LEU B 5 -7.17 -42.66 6.55
C LEU B 5 -8.68 -42.46 6.61
N THR B 6 -9.13 -41.22 6.70
CA THR B 6 -10.56 -40.91 6.65
C THR B 6 -10.90 -40.06 5.44
N TYR B 7 -11.81 -40.56 4.61
CA TYR B 7 -12.32 -39.83 3.46
C TYR B 7 -13.72 -40.35 3.12
N PHE B 8 -14.31 -39.83 2.05
CA PHE B 8 -15.59 -40.35 1.57
C PHE B 8 -15.33 -41.69 0.86
N ASN B 9 -16.39 -42.43 0.57
CA ASN B 9 -16.26 -43.61 -0.27
C ASN B 9 -16.18 -43.16 -1.72
N MET B 10 -14.97 -42.74 -2.09
CA MET B 10 -14.70 -42.12 -3.36
C MET B 10 -13.20 -42.25 -3.55
N ARG B 11 -12.73 -42.30 -4.79
CA ARG B 11 -11.28 -42.24 -5.04
C ARG B 11 -10.86 -40.83 -4.63
N GLY B 12 -11.33 -39.85 -5.38
CA GLY B 12 -11.11 -38.44 -5.06
C GLY B 12 -9.71 -38.07 -4.64
N ARG B 13 -9.63 -37.21 -3.63
CA ARG B 13 -8.35 -36.71 -3.13
C ARG B 13 -7.61 -37.66 -2.20
N ALA B 14 -8.26 -38.76 -1.78
CA ALA B 14 -7.59 -39.75 -0.93
C ALA B 14 -6.84 -40.81 -1.73
N GLU B 15 -7.19 -40.99 -3.00
CA GLU B 15 -6.67 -42.10 -3.79
C GLU B 15 -5.14 -42.11 -3.91
N ILE B 16 -4.51 -40.93 -3.96
CA ILE B 16 -3.05 -40.86 -4.06
C ILE B 16 -2.38 -41.48 -2.84
N ILE B 17 -2.99 -41.23 -1.66
CA ILE B 17 -2.52 -41.82 -0.39
C ILE B 17 -2.71 -43.33 -0.46
N ARG B 18 -3.86 -43.76 -0.97
CA ARG B 18 -4.14 -45.19 -1.06
C ARG B 18 -3.16 -45.91 -2.00
N TYR B 19 -2.80 -45.28 -3.13
CA TYR B 19 -1.77 -45.86 -4.00
C TYR B 19 -0.41 -45.98 -3.32
N ILE B 20 -0.04 -44.96 -2.54
CA ILE B 20 1.27 -44.97 -1.90
C ILE B 20 1.34 -46.08 -0.86
N PHE B 21 0.29 -46.20 -0.06
CA PHE B 21 0.20 -47.29 0.89
C PHE B 21 0.29 -48.65 0.22
N ALA B 22 -0.40 -48.80 -0.92
CA ALA B 22 -0.38 -50.08 -1.66
C ALA B 22 1.01 -50.37 -2.20
N TYR B 23 1.62 -49.37 -2.87
CA TYR B 23 2.94 -49.56 -3.45
C TYR B 23 4.01 -49.89 -2.40
N LEU B 24 3.94 -49.21 -1.25
CA LEU B 24 4.91 -49.44 -0.18
C LEU B 24 4.56 -50.63 0.71
N ASP B 25 3.43 -51.28 0.43
CA ASP B 25 2.93 -52.44 1.20
C ASP B 25 2.73 -52.11 2.68
N ILE B 26 2.14 -50.94 2.95
CA ILE B 26 1.88 -50.50 4.30
C ILE B 26 0.40 -50.73 4.60
N GLN B 27 0.14 -51.32 5.77
CA GLN B 27 -1.22 -51.66 6.18
C GLN B 27 -1.85 -50.42 6.76
N TYR B 28 -3.13 -50.22 6.50
CA TYR B 28 -3.84 -49.06 7.04
C TYR B 28 -5.33 -49.28 7.10
N GLU B 29 -5.99 -48.55 7.98
CA GLU B 29 -7.45 -48.49 8.02
C GLU B 29 -7.96 -47.50 6.95
N ASP B 30 -8.66 -48.05 5.96
CA ASP B 30 -9.27 -47.24 4.91
C ASP B 30 -10.69 -46.85 5.35
N HIS B 31 -10.77 -45.84 6.21
CA HIS B 31 -12.05 -45.42 6.79
C HIS B 31 -12.83 -44.53 5.82
N ARG B 32 -13.94 -45.06 5.30
CA ARG B 32 -14.79 -44.37 4.34
C ARG B 32 -16.10 -43.94 4.97
N ILE B 33 -16.32 -42.63 5.06
CA ILE B 33 -17.53 -42.08 5.69
C ILE B 33 -18.57 -41.65 4.65
N GLU B 34 -19.74 -41.23 5.12
CA GLU B 34 -20.79 -40.70 4.25
C GLU B 34 -21.21 -39.31 4.68
N GLN B 35 -21.92 -38.60 3.80
CA GLN B 35 -22.30 -37.22 4.04
C GLN B 35 -23.28 -37.10 5.21
N ALA B 36 -23.94 -38.20 5.56
CA ALA B 36 -24.84 -38.24 6.71
C ALA B 36 -24.08 -37.98 8.01
N ASP B 37 -23.02 -38.75 8.26
CA ASP B 37 -22.23 -38.64 9.48
C ASP B 37 -21.05 -37.66 9.37
N TRP B 38 -21.07 -36.82 8.33
CA TRP B 38 -20.03 -35.83 8.10
C TRP B 38 -19.95 -34.73 9.16
N PRO B 39 -21.07 -34.00 9.40
CA PRO B 39 -20.98 -32.86 10.34
C PRO B 39 -20.51 -33.24 11.74
N GLU B 40 -20.84 -34.44 12.18
CA GLU B 40 -20.28 -35.01 13.41
C GLU B 40 -18.74 -34.99 13.36
N ILE B 41 -18.20 -35.55 12.27
CA ILE B 41 -16.75 -35.69 12.10
C ILE B 41 -16.08 -34.35 11.75
N LYS B 42 -16.73 -33.56 10.91
CA LYS B 42 -16.19 -32.28 10.42
C LYS B 42 -15.77 -31.37 11.56
N SER B 43 -16.69 -31.15 12.49
CA SER B 43 -16.45 -30.25 13.63
C SER B 43 -15.16 -30.58 14.41
N THR B 44 -14.74 -31.83 14.38
CA THR B 44 -13.50 -32.24 15.05
C THR B 44 -12.22 -32.06 14.23
N LEU B 45 -12.33 -31.87 12.90
CA LEU B 45 -11.14 -31.77 12.01
C LEU B 45 -10.51 -30.37 11.99
N PRO B 46 -9.18 -30.29 11.79
CA PRO B 46 -8.48 -29.02 12.07
C PRO B 46 -8.92 -27.89 11.16
N PHE B 47 -9.15 -28.20 9.89
CA PHE B 47 -9.62 -27.18 8.97
C PHE B 47 -10.90 -27.59 8.26
N GLY B 48 -11.64 -28.52 8.85
CA GLY B 48 -12.96 -28.84 8.38
C GLY B 48 -12.99 -29.59 7.07
N LYS B 49 -11.85 -30.15 6.65
CA LYS B 49 -11.77 -30.85 5.37
C LYS B 49 -11.20 -32.25 5.53
N ILE B 50 -11.53 -33.10 4.56
CA ILE B 50 -10.96 -34.41 4.40
C ILE B 50 -10.29 -34.52 3.03
N PRO B 51 -9.31 -35.41 2.86
CA PRO B 51 -8.86 -36.44 3.79
C PRO B 51 -8.03 -35.97 4.96
N ILE B 52 -8.06 -36.76 6.02
CA ILE B 52 -7.07 -36.67 7.10
C ILE B 52 -6.43 -38.03 7.22
N LEU B 53 -5.20 -38.05 7.73
CA LEU B 53 -4.53 -39.28 8.08
C LEU B 53 -4.10 -39.17 9.52
N GLU B 54 -4.49 -40.19 10.29
CA GLU B 54 -4.07 -40.31 11.68
C GLU B 54 -2.89 -41.28 11.71
N VAL B 55 -1.79 -40.81 12.27
CA VAL B 55 -0.54 -41.52 12.34
C VAL B 55 -0.21 -41.68 13.81
N ASP B 56 -0.35 -42.90 14.34
CA ASP B 56 0.02 -43.14 15.73
C ASP B 56 -0.66 -42.11 16.66
N GLY B 57 -1.95 -41.87 16.42
CA GLY B 57 -2.74 -40.95 17.24
C GLY B 57 -2.67 -39.48 16.84
N LEU B 58 -1.78 -39.14 15.91
CA LEU B 58 -1.54 -37.76 15.52
C LEU B 58 -2.26 -37.50 14.19
N THR B 59 -2.94 -36.38 14.07
CA THR B 59 -3.71 -36.06 12.86
C THR B 59 -2.94 -35.17 11.88
N LEU B 60 -2.86 -35.65 10.64
CA LEU B 60 -2.37 -34.87 9.51
C LEU B 60 -3.53 -34.57 8.58
N HIS B 61 -3.43 -33.44 7.90
CA HIS B 61 -4.40 -33.07 6.84
C HIS B 61 -3.69 -32.63 5.57
N GLN B 62 -4.49 -32.36 4.53
CA GLN B 62 -4.03 -32.00 3.18
C GLN B 62 -3.44 -33.21 2.41
N SER B 63 -4.15 -33.62 1.37
CA SER B 63 -3.85 -34.88 0.69
C SER B 63 -2.42 -34.97 0.19
N LEU B 64 -1.95 -33.88 -0.42
CA LEU B 64 -0.62 -33.87 -1.00
C LEU B 64 0.51 -33.71 0.03
N ALA B 65 0.27 -32.90 1.07
CA ALA B 65 1.17 -32.86 2.23
C ALA B 65 1.36 -34.26 2.80
N ILE B 66 0.25 -34.99 2.94
CA ILE B 66 0.29 -36.37 3.46
C ILE B 66 1.04 -37.29 2.50
N ALA B 67 0.68 -37.22 1.21
CA ALA B 67 1.37 -38.03 0.21
C ALA B 67 2.88 -37.82 0.27
N ARG B 68 3.31 -36.58 0.42
CA ARG B 68 4.70 -36.27 0.44
C ARG B 68 5.37 -36.84 1.69
N TYR B 69 4.67 -36.76 2.80
CA TYR B 69 5.20 -37.25 4.08
C TYR B 69 5.46 -38.76 3.96
N LEU B 70 4.49 -39.47 3.39
CA LEU B 70 4.58 -40.93 3.22
C LEU B 70 5.66 -41.37 2.25
N THR B 71 6.03 -40.52 1.29
CA THR B 71 7.00 -40.92 0.27
C THR B 71 8.43 -40.45 0.56
N LYS B 72 8.60 -39.63 1.60
CA LYS B 72 9.94 -39.16 1.97
C LYS B 72 10.83 -40.37 2.31
N ASN B 73 12.04 -40.37 1.78
CA ASN B 73 12.99 -41.48 2.00
C ASN B 73 12.53 -42.82 1.45
N THR B 74 11.68 -42.78 0.41
CA THR B 74 11.32 -43.98 -0.34
C THR B 74 11.72 -43.73 -1.78
N ASP B 75 11.68 -44.78 -2.58
CA ASP B 75 12.05 -44.70 -3.99
C ASP B 75 11.06 -43.84 -4.82
N LEU B 76 9.92 -43.49 -4.23
CA LEU B 76 8.90 -42.68 -4.93
C LEU B 76 9.14 -41.16 -4.92
N ALA B 77 10.09 -40.69 -4.13
CA ALA B 77 10.28 -39.26 -3.89
C ALA B 77 10.94 -38.43 -5.00
N GLY B 78 11.81 -39.06 -5.79
CA GLY B 78 12.73 -38.36 -6.69
C GLY B 78 14.14 -38.47 -6.14
N ASN B 79 15.13 -38.58 -7.03
CA ASN B 79 16.50 -39.02 -6.64
C ASN B 79 17.49 -37.92 -6.24
N THR B 80 17.13 -36.67 -6.51
CA THR B 80 17.90 -35.50 -6.08
C THR B 80 16.88 -34.49 -5.60
N GLU B 81 17.34 -33.47 -4.89
CA GLU B 81 16.43 -32.43 -4.43
C GLU B 81 15.75 -31.76 -5.61
N MET B 82 16.50 -31.53 -6.69
CA MET B 82 15.94 -30.88 -7.87
C MET B 82 14.84 -31.79 -8.39
N GLU B 83 15.12 -33.08 -8.52
CA GLU B 83 14.09 -34.00 -9.00
C GLU B 83 12.87 -34.08 -8.08
N GLN B 84 13.07 -33.99 -6.77
CA GLN B 84 11.96 -33.94 -5.84
C GLN B 84 11.10 -32.71 -6.09
N CYS B 85 11.74 -31.60 -6.47
CA CYS B 85 11.00 -30.39 -6.83
C CYS B 85 10.17 -30.64 -8.09
N HIS B 86 10.76 -31.33 -9.06
CA HIS B 86 10.01 -31.64 -10.30
C HIS B 86 8.78 -32.50 -9.97
N VAL B 87 8.93 -33.45 -9.06
CA VAL B 87 7.79 -34.31 -8.62
C VAL B 87 6.70 -33.45 -8.02
N ASP B 88 7.08 -32.63 -7.04
CA ASP B 88 6.14 -31.71 -6.40
C ASP B 88 5.43 -30.82 -7.40
N ALA B 89 6.18 -30.35 -8.41
CA ALA B 89 5.65 -29.36 -9.33
C ALA B 89 4.63 -29.99 -10.27
N ILE B 90 4.95 -31.18 -10.76
CA ILE B 90 3.98 -31.92 -11.58
C ILE B 90 2.69 -32.20 -10.79
N VAL B 91 2.85 -32.65 -9.55
CA VAL B 91 1.70 -32.92 -8.72
C VAL B 91 0.84 -31.65 -8.55
N ASP B 92 1.46 -30.50 -8.28
CA ASP B 92 0.66 -29.28 -8.10
C ASP B 92 0.02 -28.79 -9.41
N THR B 93 0.68 -29.00 -10.53
CA THR B 93 0.13 -28.64 -11.85
C THR B 93 -1.13 -29.47 -12.10
N LEU B 94 -1.05 -30.76 -11.84
CA LEU B 94 -2.24 -31.61 -11.94
C LEU B 94 -3.31 -31.21 -10.92
N ASP B 95 -2.93 -31.02 -9.66
CA ASP B 95 -3.90 -30.64 -8.63
C ASP B 95 -4.60 -29.31 -8.92
N ASP B 96 -3.83 -28.34 -9.43
CA ASP B 96 -4.36 -27.02 -9.77
C ASP B 96 -5.47 -27.18 -10.81
N PHE B 97 -5.24 -28.03 -11.79
CA PHE B 97 -6.27 -28.25 -12.81
C PHE B 97 -7.49 -28.94 -12.22
N MET B 98 -7.30 -30.02 -11.48
CA MET B 98 -8.44 -30.77 -10.89
C MET B 98 -9.26 -29.90 -9.95
N SER B 99 -8.59 -28.98 -9.26
CA SER B 99 -9.24 -28.09 -8.31
C SER B 99 -10.00 -26.94 -8.98
N CYS B 100 -9.75 -26.67 -10.27
CA CYS B 100 -10.53 -25.69 -11.03
C CYS B 100 -11.97 -26.13 -11.23
N PHE B 101 -12.21 -27.44 -11.27
CA PHE B 101 -13.57 -27.96 -11.46
C PHE B 101 -14.45 -27.65 -10.24
N PRO B 102 -15.63 -27.07 -10.48
CA PRO B 102 -16.54 -26.77 -9.38
C PRO B 102 -17.33 -28.01 -8.94
N TRP B 103 -16.67 -28.90 -8.18
CA TRP B 103 -17.22 -30.22 -7.86
C TRP B 103 -18.50 -30.17 -7.02
N ALA B 104 -18.62 -29.15 -6.17
CA ALA B 104 -19.72 -29.04 -5.22
C ALA B 104 -20.66 -27.89 -5.58
N GLU B 105 -20.54 -27.35 -6.78
CA GLU B 105 -21.34 -26.21 -7.24
C GLU B 105 -22.79 -26.60 -7.48
N LYS B 106 -23.71 -26.01 -6.70
CA LYS B 106 -25.13 -26.35 -6.78
C LYS B 106 -25.90 -25.59 -7.87
N LYS B 107 -25.36 -24.47 -8.35
CA LYS B 107 -25.96 -23.76 -9.48
C LYS B 107 -25.67 -24.53 -10.78
N GLN B 108 -26.63 -25.36 -11.17
CA GLN B 108 -26.49 -26.31 -12.28
C GLN B 108 -25.89 -25.69 -13.54
N ASP B 109 -26.35 -24.49 -13.89
CA ASP B 109 -25.94 -23.84 -15.13
C ASP B 109 -24.44 -23.51 -15.18
N VAL B 110 -23.92 -22.86 -14.14
CA VAL B 110 -22.50 -22.50 -14.11
C VAL B 110 -21.58 -23.72 -14.00
N LYS B 111 -22.01 -24.71 -13.21
CA LYS B 111 -21.28 -25.98 -13.11
C LYS B 111 -21.10 -26.63 -14.48
N GLU B 112 -22.21 -26.80 -15.20
CA GLU B 112 -22.19 -27.44 -16.53
C GLU B 112 -21.29 -26.66 -17.50
N GLN B 113 -21.42 -25.34 -17.48
CA GLN B 113 -20.63 -24.45 -18.34
C GLN B 113 -19.14 -24.47 -17.99
N MET B 114 -18.82 -24.41 -16.71
CA MET B 114 -17.40 -24.44 -16.27
C MET B 114 -16.72 -25.76 -16.62
N PHE B 115 -17.34 -26.87 -16.25
CA PHE B 115 -16.84 -28.20 -16.65
C PHE B 115 -16.56 -28.26 -18.14
N ASN B 116 -17.56 -27.87 -18.94
CA ASN B 116 -17.43 -27.86 -20.39
C ASN B 116 -16.29 -26.97 -20.90
N GLU B 117 -16.10 -25.81 -20.29
CA GLU B 117 -15.03 -24.90 -20.70
C GLU B 117 -13.64 -25.45 -20.33
N LEU B 118 -13.49 -25.94 -19.09
CA LEU B 118 -12.23 -26.54 -18.67
C LEU B 118 -11.87 -27.77 -19.53
N LEU B 119 -12.86 -28.55 -19.91
CA LEU B 119 -12.58 -29.79 -20.65
C LEU B 119 -12.33 -29.52 -22.13
N THR B 120 -13.03 -28.56 -22.69
CA THR B 120 -12.93 -28.27 -24.11
C THR B 120 -11.68 -27.46 -24.43
N TYR B 121 -11.36 -26.49 -23.58
CA TYR B 121 -10.30 -25.53 -23.89
C TYR B 121 -9.00 -25.75 -23.10
N ASN B 122 -9.12 -25.84 -21.78
CA ASN B 122 -7.95 -25.97 -20.90
C ASN B 122 -7.31 -27.34 -20.92
N ALA B 123 -8.12 -28.39 -20.84
CA ALA B 123 -7.59 -29.75 -20.76
C ALA B 123 -6.65 -30.12 -21.92
N PRO B 124 -7.03 -29.80 -23.18
CA PRO B 124 -6.09 -30.15 -24.26
C PRO B 124 -4.72 -29.47 -24.18
N HIS B 125 -4.67 -28.23 -23.68
CA HIS B 125 -3.39 -27.52 -23.48
C HIS B 125 -2.53 -28.24 -22.46
N LEU B 126 -3.14 -28.65 -21.35
CA LEU B 126 -2.42 -29.35 -20.29
C LEU B 126 -1.92 -30.71 -20.78
N MET B 127 -2.77 -31.43 -21.52
CA MET B 127 -2.32 -32.70 -22.09
C MET B 127 -1.12 -32.50 -23.01
N GLN B 128 -1.15 -31.48 -23.87
CA GLN B 128 -0.02 -31.23 -24.75
C GLN B 128 1.22 -30.86 -23.94
N ASP B 129 1.07 -30.02 -22.93
CA ASP B 129 2.22 -29.68 -22.06
C ASP B 129 2.81 -30.90 -21.34
N LEU B 130 1.94 -31.77 -20.83
CA LEU B 130 2.41 -32.99 -20.18
C LEU B 130 3.10 -33.96 -21.13
N ASP B 131 2.56 -34.12 -22.34
CA ASP B 131 3.16 -35.03 -23.31
C ASP B 131 4.55 -34.52 -23.72
N THR B 132 4.66 -33.21 -23.92
CA THR B 132 5.91 -32.57 -24.28
C THR B 132 6.91 -32.68 -23.14
N TYR B 133 6.44 -32.50 -21.92
CA TYR B 133 7.28 -32.65 -20.72
C TYR B 133 7.83 -34.09 -20.60
N LEU B 134 6.95 -35.08 -20.76
CA LEU B 134 7.36 -36.48 -20.75
C LEU B 134 8.33 -36.81 -21.87
N GLY B 135 8.09 -36.24 -23.05
CA GLY B 135 8.88 -36.58 -24.21
C GLY B 135 8.86 -38.08 -24.40
N GLY B 136 10.01 -38.66 -24.72
CA GLY B 136 10.14 -40.10 -24.92
C GLY B 136 10.56 -40.88 -23.69
N ARG B 137 10.57 -40.21 -22.54
CA ARG B 137 11.04 -40.82 -21.32
C ARG B 137 10.00 -41.78 -20.75
N GLU B 138 10.47 -42.70 -19.94
CA GLU B 138 9.65 -43.77 -19.42
C GLU B 138 8.70 -43.30 -18.31
N TRP B 139 9.20 -42.39 -17.46
CA TRP B 139 8.43 -41.83 -16.35
C TRP B 139 8.52 -40.31 -16.41
N LEU B 140 7.63 -39.62 -15.72
CA LEU B 140 7.59 -38.16 -15.76
C LEU B 140 8.87 -37.49 -15.22
N ILE B 141 9.40 -38.02 -14.12
CA ILE B 141 10.62 -37.50 -13.52
C ILE B 141 11.65 -38.63 -13.38
N GLY B 142 12.86 -38.39 -13.88
CA GLY B 142 13.96 -39.29 -13.65
C GLY B 142 13.83 -40.60 -14.40
N ASN B 143 14.44 -41.64 -13.85
CA ASN B 143 14.54 -42.93 -14.53
C ASN B 143 13.65 -44.00 -13.92
N SER B 144 12.91 -43.65 -12.87
CA SER B 144 12.06 -44.59 -12.15
C SER B 144 10.73 -43.95 -11.77
N VAL B 145 9.75 -44.77 -11.42
CA VAL B 145 8.43 -44.29 -11.07
C VAL B 145 8.48 -43.39 -9.84
N THR B 146 7.73 -42.29 -9.86
CA THR B 146 7.53 -41.47 -8.65
C THR B 146 6.04 -41.31 -8.39
N TRP B 147 5.68 -40.74 -7.24
CA TRP B 147 4.26 -40.51 -6.94
C TRP B 147 3.61 -39.46 -7.87
N ALA B 148 4.41 -38.70 -8.62
CA ALA B 148 3.89 -37.87 -9.72
C ALA B 148 3.24 -38.73 -10.80
N ASP B 149 3.83 -39.88 -11.11
CA ASP B 149 3.21 -40.78 -12.11
C ASP B 149 1.89 -41.38 -11.60
N PHE B 150 1.86 -41.73 -10.31
CA PHE B 150 0.63 -42.17 -9.65
C PHE B 150 -0.46 -41.11 -9.75
N TYR B 151 -0.10 -39.86 -9.47
CA TYR B 151 -1.09 -38.80 -9.55
C TYR B 151 -1.58 -38.56 -10.98
N TRP B 152 -0.70 -38.68 -11.97
CA TRP B 152 -1.14 -38.62 -13.36
C TRP B 152 -2.21 -39.65 -13.62
N GLU B 153 -1.93 -40.90 -13.23
CA GLU B 153 -2.88 -41.98 -13.51
C GLU B 153 -4.23 -41.73 -12.82
N ILE B 154 -4.16 -41.27 -11.57
CA ILE B 154 -5.36 -40.95 -10.79
C ILE B 154 -6.15 -39.78 -11.38
N CYS B 155 -5.48 -38.67 -11.67
CA CYS B 155 -6.16 -37.50 -12.24
C CYS B 155 -6.78 -37.79 -13.61
N SER B 156 -6.03 -38.50 -14.45
CA SER B 156 -6.48 -38.79 -15.81
C SER B 156 -7.67 -39.75 -15.78
N THR B 157 -7.69 -40.65 -14.80
CA THR B 157 -8.81 -41.61 -14.64
C THR B 157 -10.10 -40.82 -14.42
N THR B 158 -10.03 -39.81 -13.57
CA THR B 158 -11.19 -38.97 -13.31
C THR B 158 -11.55 -38.10 -14.52
N LEU B 159 -10.55 -37.50 -15.18
CA LEU B 159 -10.84 -36.67 -16.34
C LEU B 159 -11.49 -37.47 -17.45
N LEU B 160 -11.10 -38.74 -17.60
CA LEU B 160 -11.65 -39.61 -18.66
C LEU B 160 -13.14 -39.94 -18.44
N VAL B 161 -13.60 -39.84 -17.20
CA VAL B 161 -15.05 -39.97 -16.89
C VAL B 161 -15.85 -38.91 -17.64
N PHE B 162 -15.28 -37.71 -17.74
CA PHE B 162 -15.96 -36.54 -18.29
C PHE B 162 -15.58 -36.24 -19.72
N LYS B 163 -14.39 -36.69 -20.14
CA LYS B 163 -13.91 -36.43 -21.50
C LYS B 163 -13.19 -37.67 -22.01
N PRO B 164 -13.95 -38.66 -22.50
CA PRO B 164 -13.34 -39.90 -22.97
C PRO B 164 -12.25 -39.76 -24.04
N ASP B 165 -12.29 -38.71 -24.87
CA ASP B 165 -11.29 -38.56 -25.94
C ASP B 165 -10.05 -37.77 -25.52
N LEU B 166 -9.89 -37.58 -24.21
CA LEU B 166 -8.81 -36.76 -23.64
C LEU B 166 -7.42 -37.05 -24.22
N LEU B 167 -7.11 -38.33 -24.38
CA LEU B 167 -5.75 -38.75 -24.73
C LEU B 167 -5.65 -39.34 -26.13
N ASP B 168 -6.60 -39.00 -27.01
CA ASP B 168 -6.60 -39.46 -28.41
C ASP B 168 -5.33 -39.07 -29.17
N ASN B 169 -4.83 -37.86 -28.90
CA ASN B 169 -3.63 -37.35 -29.54
C ASN B 169 -2.35 -37.59 -28.74
N HIS B 170 -2.42 -38.39 -27.67
CA HIS B 170 -1.31 -38.51 -26.72
C HIS B 170 -1.04 -39.95 -26.28
N PRO B 171 -0.63 -40.81 -27.22
CA PRO B 171 -0.38 -42.21 -26.87
C PRO B 171 0.64 -42.41 -25.74
N ARG B 172 1.64 -41.55 -25.66
CA ARG B 172 2.68 -41.72 -24.65
C ARG B 172 2.12 -41.51 -23.25
N LEU B 173 1.09 -40.67 -23.14
CA LEU B 173 0.43 -40.43 -21.85
C LEU B 173 -0.46 -41.59 -21.45
N VAL B 174 -1.03 -42.26 -22.45
CA VAL B 174 -1.77 -43.49 -22.19
C VAL B 174 -0.80 -44.60 -21.80
N THR B 175 0.32 -44.70 -22.48
CA THR B 175 1.33 -45.69 -22.12
C THR B 175 1.76 -45.51 -20.66
N LEU B 176 1.94 -44.27 -20.24
CA LEU B 176 2.30 -44.01 -18.85
C LEU B 176 1.20 -44.47 -17.89
N ARG B 177 -0.07 -44.20 -18.21
CA ARG B 177 -1.17 -44.69 -17.39
C ARG B 177 -1.11 -46.21 -17.21
N LYS B 178 -0.90 -46.92 -18.32
CA LYS B 178 -0.87 -48.38 -18.28
C LYS B 178 0.34 -48.93 -17.51
N LYS B 179 1.48 -48.24 -17.60
CA LYS B 179 2.66 -48.66 -16.86
C LYS B 179 2.43 -48.56 -15.35
N VAL B 180 1.72 -47.53 -14.93
CA VAL B 180 1.40 -47.34 -13.53
C VAL B 180 0.43 -48.42 -13.08
N GLN B 181 -0.57 -48.67 -13.92
CA GLN B 181 -1.59 -49.67 -13.64
C GLN B 181 -1.05 -51.10 -13.60
N ALA B 182 0.10 -51.32 -14.23
CA ALA B 182 0.69 -52.66 -14.30
C ALA B 182 1.63 -52.96 -13.13
N ILE B 183 2.00 -51.95 -12.37
CA ILE B 183 2.79 -52.18 -11.16
C ILE B 183 1.93 -53.11 -10.29
N PRO B 184 2.48 -54.30 -9.93
CA PRO B 184 1.63 -55.31 -9.29
C PRO B 184 0.82 -54.83 -8.09
N ALA B 185 1.46 -54.10 -7.18
CA ALA B 185 0.77 -53.58 -6.00
C ALA B 185 -0.35 -52.60 -6.38
N VAL B 186 -0.14 -51.79 -7.41
CA VAL B 186 -1.16 -50.83 -7.87
C VAL B 186 -2.30 -51.59 -8.56
N ALA B 187 -1.94 -52.44 -9.53
CA ALA B 187 -2.89 -53.32 -10.21
C ALA B 187 -3.83 -54.01 -9.23
N ASN B 188 -3.27 -54.59 -8.18
CA ASN B 188 -4.05 -55.28 -7.14
C ASN B 188 -5.01 -54.33 -6.44
N TRP B 189 -4.54 -53.15 -6.06
CA TRP B 189 -5.41 -52.16 -5.41
C TRP B 189 -6.55 -51.71 -6.35
N ILE B 190 -6.25 -51.49 -7.62
CA ILE B 190 -7.28 -51.11 -8.58
C ILE B 190 -8.35 -52.19 -8.68
N LYS B 191 -7.91 -53.45 -8.68
CA LYS B 191 -8.82 -54.58 -8.75
C LYS B 191 -9.76 -54.67 -7.53
N ARG B 192 -9.26 -54.38 -6.33
CA ARG B 192 -10.04 -54.64 -5.13
C ARG B 192 -10.71 -53.42 -4.49
N ARG B 193 -10.37 -52.21 -4.94
CA ARG B 193 -10.94 -51.00 -4.36
C ARG B 193 -12.43 -50.92 -4.69
N PRO B 194 -13.22 -50.23 -3.86
CA PRO B 194 -14.62 -50.06 -4.20
C PRO B 194 -14.81 -49.36 -5.54
N GLN B 195 -15.71 -49.86 -6.39
CA GLN B 195 -16.01 -49.19 -7.65
C GLN B 195 -16.92 -48.01 -7.40
N THR B 196 -16.35 -46.81 -7.53
CA THR B 196 -17.10 -45.58 -7.41
C THR B 196 -16.97 -44.81 -8.71
N LYS B 197 -17.89 -43.90 -8.99
CA LYS B 197 -17.79 -43.09 -10.19
C LYS B 197 -16.56 -42.19 -10.12
N LEU B 198 -16.38 -41.54 -8.97
CA LEU B 198 -15.30 -40.58 -8.74
C LEU B 198 -14.33 -41.00 -7.65
N PRO C 1 8.37 42.15 -16.47
CA PRO C 1 6.93 42.31 -16.32
C PRO C 1 6.59 43.49 -15.41
N ASN C 2 5.36 44.00 -15.49
CA ASN C 2 4.94 45.09 -14.63
C ASN C 2 4.33 44.59 -13.30
N TYR C 3 5.02 44.86 -12.20
CA TYR C 3 4.64 44.34 -10.89
C TYR C 3 4.19 45.45 -9.95
N LYS C 4 3.01 45.28 -9.37
CA LYS C 4 2.54 46.14 -8.28
C LYS C 4 2.12 45.32 -7.06
N LEU C 5 2.81 45.53 -5.94
CA LEU C 5 2.55 44.83 -4.68
C LEU C 5 1.74 45.76 -3.79
N THR C 6 0.63 45.27 -3.26
CA THR C 6 -0.18 46.05 -2.31
C THR C 6 -0.19 45.38 -0.95
N TYR C 7 0.22 46.14 0.07
CA TYR C 7 0.18 45.69 1.43
C TYR C 7 0.13 46.91 2.37
N PHE C 8 0.07 46.65 3.68
CA PHE C 8 0.18 47.71 4.68
C PHE C 8 1.61 48.26 4.72
N ASN C 9 1.83 49.35 5.44
CA ASN C 9 3.19 49.87 5.64
C ASN C 9 3.84 49.09 6.77
N MET C 10 4.28 47.88 6.44
CA MET C 10 4.84 46.92 7.38
C MET C 10 5.69 45.94 6.59
N ARG C 11 6.63 45.29 7.26
CA ARG C 11 7.29 44.14 6.64
C ARG C 11 6.21 43.04 6.49
N GLY C 12 5.76 42.51 7.62
CA GLY C 12 4.67 41.54 7.66
C GLY C 12 4.77 40.44 6.62
N ARG C 13 3.63 40.12 6.01
CA ARG C 13 3.53 39.01 5.05
C ARG C 13 3.97 39.40 3.65
N ALA C 14 4.24 40.68 3.40
CA ALA C 14 4.73 41.11 2.09
C ALA C 14 6.25 41.07 1.97
N GLU C 15 6.96 41.07 3.10
CA GLU C 15 8.42 41.22 3.08
C GLU C 15 9.17 40.13 2.30
N ILE C 16 8.64 38.91 2.28
CA ILE C 16 9.27 37.82 1.54
C ILE C 16 9.26 38.16 0.06
N ILE C 17 8.16 38.75 -0.40
CA ILE C 17 8.03 39.14 -1.82
C ILE C 17 9.04 40.27 -2.10
N ARG C 18 9.13 41.21 -1.17
CA ARG C 18 10.06 42.32 -1.33
C ARG C 18 11.53 41.89 -1.39
N TYR C 19 11.93 40.92 -0.55
CA TYR C 19 13.28 40.34 -0.63
C TYR C 19 13.52 39.67 -1.97
N ILE C 20 12.53 38.94 -2.48
CA ILE C 20 12.72 38.21 -3.73
C ILE C 20 12.93 39.20 -4.88
N PHE C 21 12.08 40.22 -4.95
CA PHE C 21 12.25 41.30 -5.91
C PHE C 21 13.62 41.96 -5.79
N ALA C 22 14.07 42.25 -4.56
CA ALA C 22 15.39 42.86 -4.38
C ALA C 22 16.50 41.95 -4.90
N TYR C 23 16.48 40.69 -4.45
CA TYR C 23 17.51 39.73 -4.82
C TYR C 23 17.60 39.52 -6.33
N LEU C 24 16.45 39.41 -7.00
CA LEU C 24 16.42 39.16 -8.44
C LEU C 24 16.57 40.44 -9.26
N ASP C 25 16.72 41.58 -8.58
CA ASP C 25 16.87 42.90 -9.22
C ASP C 25 15.68 43.21 -10.11
N ILE C 26 14.49 42.99 -9.57
CA ILE C 26 13.27 43.25 -10.30
C ILE C 26 12.64 44.52 -9.76
N GLN C 27 12.32 45.42 -10.69
CA GLN C 27 11.64 46.66 -10.39
C GLN C 27 10.19 46.35 -10.07
N TYR C 28 9.62 47.06 -9.10
CA TYR C 28 8.19 46.93 -8.80
C TYR C 28 7.65 48.15 -8.04
N GLU C 29 6.35 48.36 -8.14
CA GLU C 29 5.67 49.33 -7.29
C GLU C 29 5.38 48.73 -5.92
N ASP C 30 6.04 49.27 -4.89
CA ASP C 30 5.82 48.90 -3.50
C ASP C 30 4.67 49.75 -2.95
N HIS C 31 3.44 49.34 -3.23
CA HIS C 31 2.27 50.12 -2.82
C HIS C 31 1.88 49.80 -1.37
N ARG C 32 2.03 50.78 -0.48
CA ARG C 32 1.72 50.63 0.94
C ARG C 32 0.49 51.44 1.33
N ILE C 33 -0.58 50.75 1.70
CA ILE C 33 -1.86 51.38 2.09
C ILE C 33 -2.00 51.52 3.60
N GLU C 34 -3.05 52.21 4.04
CA GLU C 34 -3.35 52.36 5.48
C GLU C 34 -4.80 51.96 5.76
N GLN C 35 -5.08 51.56 6.99
CA GLN C 35 -6.37 50.96 7.34
C GLN C 35 -7.57 51.92 7.21
N ALA C 36 -7.30 53.21 7.05
CA ALA C 36 -8.36 54.18 6.74
C ALA C 36 -8.97 53.89 5.38
N ASP C 37 -8.11 53.73 4.38
CA ASP C 37 -8.54 53.49 2.99
C ASP C 37 -8.56 52.00 2.62
N TRP C 38 -8.44 51.14 3.62
CA TRP C 38 -8.47 49.68 3.42
C TRP C 38 -9.86 49.17 2.99
N PRO C 39 -10.94 49.62 3.67
CA PRO C 39 -12.28 49.22 3.24
C PRO C 39 -12.57 49.36 1.74
N GLU C 40 -12.13 50.45 1.13
CA GLU C 40 -12.32 50.66 -0.31
C GLU C 40 -11.58 49.64 -1.17
N ILE C 41 -10.34 49.33 -0.78
CA ILE C 41 -9.51 48.37 -1.51
C ILE C 41 -10.01 46.94 -1.28
N LYS C 42 -10.30 46.62 -0.02
CA LYS C 42 -10.70 45.28 0.41
C LYS C 42 -11.85 44.70 -0.43
N SER C 43 -12.87 45.49 -0.65
CA SER C 43 -14.06 45.05 -1.38
C SER C 43 -13.77 44.59 -2.82
N THR C 44 -12.66 45.05 -3.41
CA THR C 44 -12.28 44.62 -4.76
C THR C 44 -11.39 43.38 -4.82
N LEU C 45 -10.80 42.96 -3.68
CA LEU C 45 -9.83 41.84 -3.65
C LEU C 45 -10.51 40.47 -3.57
N PRO C 46 -9.86 39.43 -4.14
CA PRO C 46 -10.60 38.20 -4.38
C PRO C 46 -11.02 37.50 -3.11
N PHE C 47 -10.16 37.52 -2.09
CA PHE C 47 -10.53 36.94 -0.82
C PHE C 47 -10.42 37.92 0.34
N GLY C 48 -10.44 39.22 0.02
CA GLY C 48 -10.52 40.26 1.04
C GLY C 48 -9.28 40.38 1.90
N LYS C 49 -8.16 39.87 1.40
CA LYS C 49 -6.91 39.89 2.15
C LYS C 49 -5.78 40.46 1.32
N ILE C 50 -4.77 40.94 2.02
CA ILE C 50 -3.52 41.37 1.43
C ILE C 50 -2.37 40.61 2.08
N PRO C 51 -1.24 40.48 1.37
CA PRO C 51 -0.89 41.12 0.11
C PRO C 51 -1.54 40.54 -1.12
N ILE C 52 -1.61 41.40 -2.14
CA ILE C 52 -1.88 40.98 -3.50
C ILE C 52 -0.71 41.48 -4.33
N LEU C 53 -0.51 40.85 -5.47
CA LEU C 53 0.46 41.29 -6.45
C LEU C 53 -0.25 41.29 -7.78
N GLU C 54 -0.17 42.44 -8.45
CA GLU C 54 -0.68 42.58 -9.81
C GLU C 54 0.50 42.43 -10.76
N VAL C 55 0.36 41.53 -11.72
CA VAL C 55 1.39 41.19 -12.66
C VAL C 55 0.79 41.47 -14.03
N ASP C 56 1.24 42.53 -14.69
CA ASP C 56 0.75 42.82 -16.03
C ASP C 56 -0.79 42.81 -16.05
N GLY C 57 -1.39 43.48 -15.07
CA GLY C 57 -2.84 43.63 -14.98
C GLY C 57 -3.59 42.47 -14.33
N LEU C 58 -2.89 41.38 -14.02
CA LEU C 58 -3.52 40.19 -13.46
C LEU C 58 -3.23 40.15 -11.95
N THR C 59 -4.24 39.82 -11.15
CA THR C 59 -4.12 39.83 -9.70
C THR C 59 -3.79 38.45 -9.11
N LEU C 60 -2.68 38.38 -8.38
CA LEU C 60 -2.34 37.22 -7.58
C LEU C 60 -2.57 37.57 -6.11
N HIS C 61 -2.88 36.54 -5.32
CA HIS C 61 -2.96 36.67 -3.87
C HIS C 61 -2.24 35.50 -3.17
N GLN C 62 -2.18 35.57 -1.84
CA GLN C 62 -1.48 34.64 -0.96
C GLN C 62 0.03 34.82 -1.03
N SER C 63 0.62 35.29 0.06
CA SER C 63 2.03 35.75 0.04
C SER C 63 3.00 34.68 -0.42
N LEU C 64 2.79 33.47 0.06
CA LEU C 64 3.71 32.37 -0.21
C LEU C 64 3.46 31.77 -1.59
N ALA C 65 2.20 31.75 -2.04
CA ALA C 65 1.89 31.40 -3.44
C ALA C 65 2.64 32.34 -4.40
N ILE C 66 2.61 33.63 -4.08
CA ILE C 66 3.24 34.67 -4.89
C ILE C 66 4.77 34.48 -4.87
N ALA C 67 5.31 34.32 -3.67
CA ALA C 67 6.75 34.10 -3.51
C ALA C 67 7.26 32.91 -4.33
N ARG C 68 6.49 31.82 -4.36
CA ARG C 68 6.86 30.66 -5.09
C ARG C 68 6.85 30.93 -6.58
N TYR C 69 5.85 31.66 -7.02
CA TYR C 69 5.68 32.01 -8.43
C TYR C 69 6.90 32.81 -8.92
N LEU C 70 7.32 33.76 -8.09
CA LEU C 70 8.42 34.67 -8.43
C LEU C 70 9.75 33.96 -8.43
N THR C 71 9.86 32.84 -7.72
CA THR C 71 11.18 32.16 -7.58
C THR C 71 11.35 30.93 -8.47
N LYS C 72 10.29 30.56 -9.18
CA LYS C 72 10.31 29.40 -10.07
C LYS C 72 11.27 29.68 -11.21
N ASN C 73 12.09 28.70 -11.53
CA ASN C 73 13.14 28.86 -12.55
C ASN C 73 14.15 29.96 -12.22
N THR C 74 14.37 30.19 -10.92
CA THR C 74 15.50 31.00 -10.45
C THR C 74 16.31 30.16 -9.49
N ASP C 75 17.52 30.62 -9.18
CA ASP C 75 18.38 29.86 -8.26
C ASP C 75 17.86 29.86 -6.82
N LEU C 76 16.83 30.66 -6.52
CA LEU C 76 16.21 30.63 -5.18
C LEU C 76 15.28 29.44 -4.92
N ALA C 77 14.91 28.67 -5.94
CA ALA C 77 13.85 27.66 -5.80
C ALA C 77 14.20 26.32 -5.10
N GLY C 78 15.45 25.88 -5.24
CA GLY C 78 15.85 24.52 -4.88
C GLY C 78 16.30 23.81 -6.13
N ASN C 79 17.33 22.97 -6.02
CA ASN C 79 18.02 22.38 -7.20
C ASN C 79 17.45 21.07 -7.75
N THR C 80 16.51 20.48 -7.04
CA THR C 80 15.77 19.32 -7.49
C THR C 80 14.36 19.48 -6.97
N GLU C 81 13.45 18.69 -7.52
CA GLU C 81 12.05 18.73 -7.07
C GLU C 81 11.98 18.42 -5.58
N MET C 82 12.79 17.46 -5.13
CA MET C 82 12.79 17.08 -3.73
C MET C 82 13.26 18.28 -2.92
N GLU C 83 14.34 18.92 -3.34
CA GLU C 83 14.80 20.12 -2.64
C GLU C 83 13.79 21.26 -2.66
N GLN C 84 13.07 21.44 -3.77
CA GLN C 84 11.99 22.42 -3.82
C GLN C 84 10.89 22.11 -2.79
N CYS C 85 10.61 20.84 -2.56
CA CYS C 85 9.66 20.45 -1.52
C CYS C 85 10.21 20.80 -0.14
N HIS C 86 11.51 20.55 0.10
CA HIS C 86 12.11 20.96 1.37
C HIS C 86 11.99 22.47 1.62
N VAL C 87 12.20 23.26 0.57
CA VAL C 87 12.08 24.73 0.65
C VAL C 87 10.64 25.07 1.03
N ASP C 88 9.68 24.52 0.29
CA ASP C 88 8.26 24.73 0.57
C ASP C 88 7.89 24.35 2.02
N ALA C 89 8.45 23.24 2.50
CA ALA C 89 8.09 22.70 3.80
C ALA C 89 8.66 23.58 4.91
N ILE C 90 9.92 24.00 4.79
CA ILE C 90 10.49 24.93 5.78
C ILE C 90 9.68 26.25 5.84
N VAL C 91 9.34 26.77 4.68
CA VAL C 91 8.53 27.97 4.62
C VAL C 91 7.18 27.76 5.33
N ASP C 92 6.51 26.64 5.09
CA ASP C 92 5.21 26.41 5.76
C ASP C 92 5.33 26.19 7.28
N THR C 93 6.39 25.52 7.69
CA THR C 93 6.71 25.35 9.11
C THR C 93 6.86 26.71 9.79
N LEU C 94 7.59 27.61 9.14
CA LEU C 94 7.76 28.97 9.72
C LEU C 94 6.44 29.71 9.68
N ASP C 95 5.72 29.60 8.56
CA ASP C 95 4.48 30.34 8.40
C ASP C 95 3.43 29.85 9.40
N ASP C 96 3.37 28.55 9.64
CA ASP C 96 2.40 27.97 10.57
C ASP C 96 2.61 28.56 11.96
N PHE C 97 3.87 28.70 12.35
CA PHE C 97 4.18 29.28 13.65
C PHE C 97 3.81 30.78 13.70
N MET C 98 4.21 31.56 12.71
CA MET C 98 3.89 32.99 12.69
C MET C 98 2.38 33.23 12.69
N SER C 99 1.65 32.34 12.02
CA SER C 99 0.20 32.43 11.93
C SER C 99 -0.53 31.99 13.21
N CYS C 100 0.16 31.32 14.12
CA CYS C 100 -0.43 30.97 15.42
C CYS C 100 -0.67 32.20 16.30
N PHE C 101 0.13 33.24 16.09
CA PHE C 101 0.01 34.46 16.89
C PHE C 101 -1.28 35.20 16.56
N PRO C 102 -2.04 35.59 17.59
CA PRO C 102 -3.27 36.37 17.34
C PRO C 102 -2.96 37.85 17.13
N TRP C 103 -2.45 38.20 15.95
CA TRP C 103 -1.98 39.56 15.66
C TRP C 103 -3.11 40.60 15.76
N ALA C 104 -4.32 40.18 15.42
CA ALA C 104 -5.47 41.06 15.34
C ALA C 104 -6.45 40.97 16.52
N GLU C 105 -6.15 40.09 17.48
CA GLU C 105 -7.06 39.87 18.63
C GLU C 105 -7.23 41.15 19.46
N LYS C 106 -8.49 41.52 19.72
CA LYS C 106 -8.80 42.71 20.50
C LYS C 106 -8.90 42.43 22.01
N LYS C 107 -9.30 41.22 22.39
CA LYS C 107 -9.31 40.82 23.80
C LYS C 107 -7.89 40.81 24.34
N GLN C 108 -7.53 41.89 25.03
CA GLN C 108 -6.14 42.15 25.43
C GLN C 108 -5.48 40.99 26.19
N ASP C 109 -6.23 40.37 27.10
CA ASP C 109 -5.70 39.28 27.94
C ASP C 109 -5.56 37.95 27.19
N VAL C 110 -6.46 37.68 26.26
CA VAL C 110 -6.34 36.53 25.36
C VAL C 110 -5.03 36.66 24.58
N LYS C 111 -4.85 37.81 23.94
CA LYS C 111 -3.65 38.10 23.16
C LYS C 111 -2.38 37.93 23.99
N GLU C 112 -2.32 38.61 25.13
CA GLU C 112 -1.13 38.61 25.99
C GLU C 112 -0.72 37.19 26.38
N GLN C 113 -1.69 36.40 26.82
CA GLN C 113 -1.45 35.02 27.23
C GLN C 113 -0.96 34.18 26.06
N MET C 114 -1.62 34.30 24.92
CA MET C 114 -1.24 33.50 23.75
C MET C 114 0.17 33.83 23.27
N PHE C 115 0.47 35.11 23.08
CA PHE C 115 1.84 35.54 22.75
C PHE C 115 2.85 34.94 23.72
N ASN C 116 2.60 35.13 25.02
CA ASN C 116 3.49 34.61 26.04
C ASN C 116 3.66 33.08 25.99
N GLU C 117 2.58 32.36 25.74
CA GLU C 117 2.63 30.90 25.68
C GLU C 117 3.43 30.42 24.47
N LEU C 118 3.12 30.99 23.29
CA LEU C 118 3.82 30.62 22.06
C LEU C 118 5.31 30.95 22.15
N LEU C 119 5.67 32.04 22.84
CA LEU C 119 7.06 32.46 22.89
C LEU C 119 7.83 31.71 23.96
N THR C 120 7.15 31.37 25.06
CA THR C 120 7.82 30.71 26.16
C THR C 120 8.00 29.21 25.91
N TYR C 121 7.01 28.56 25.31
CA TYR C 121 7.01 27.10 25.19
C TYR C 121 7.25 26.61 23.76
N ASN C 122 6.50 27.16 22.81
CA ASN C 122 6.55 26.70 21.42
C ASN C 122 7.81 27.14 20.67
N ALA C 123 8.15 28.42 20.82
CA ALA C 123 9.29 28.98 20.09
C ALA C 123 10.62 28.25 20.35
N PRO C 124 10.95 27.95 21.62
CA PRO C 124 12.21 27.23 21.84
C PRO C 124 12.26 25.84 21.17
N HIS C 125 11.12 25.15 21.09
CA HIS C 125 11.10 23.85 20.41
C HIS C 125 11.34 24.00 18.93
N LEU C 126 10.72 25.01 18.32
CA LEU C 126 10.92 25.28 16.89
C LEU C 126 12.38 25.65 16.61
N MET C 127 12.97 26.50 17.46
CA MET C 127 14.36 26.90 17.25
C MET C 127 15.28 25.69 17.30
N GLN C 128 15.06 24.81 18.28
CA GLN C 128 15.86 23.60 18.39
C GLN C 128 15.69 22.73 17.14
N ASP C 129 14.45 22.53 16.71
CA ASP C 129 14.21 21.76 15.47
C ASP C 129 14.88 22.37 14.26
N LEU C 130 14.83 23.70 14.11
CA LEU C 130 15.49 24.37 12.98
C LEU C 130 17.00 24.25 13.03
N ASP C 131 17.57 24.39 14.22
CA ASP C 131 19.01 24.30 14.39
C ASP C 131 19.49 22.91 14.02
N THR C 132 18.79 21.91 14.52
CA THR C 132 19.10 20.52 14.22
C THR C 132 18.97 20.22 12.73
N TYR C 133 17.93 20.77 12.12
CA TYR C 133 17.71 20.61 10.68
C TYR C 133 18.87 21.21 9.86
N LEU C 134 19.29 22.41 10.25
CA LEU C 134 20.38 23.11 9.61
C LEU C 134 21.71 22.37 9.79
N GLY C 135 21.93 21.81 10.97
CA GLY C 135 23.20 21.18 11.30
C GLY C 135 24.34 22.14 11.03
N GLY C 136 25.44 21.61 10.53
CA GLY C 136 26.61 22.43 10.18
C GLY C 136 26.56 23.02 8.79
N ARG C 137 25.41 22.90 8.12
CA ARG C 137 25.31 23.34 6.75
C ARG C 137 25.19 24.86 6.64
N GLU C 138 25.54 25.37 5.48
CA GLU C 138 25.62 26.80 5.23
C GLU C 138 24.23 27.43 5.07
N TRP C 139 23.34 26.71 4.37
CA TRP C 139 21.99 27.18 4.10
C TRP C 139 21.00 26.08 4.47
N LEU C 140 19.72 26.44 4.62
CA LEU C 140 18.74 25.46 5.12
C LEU C 140 18.53 24.29 4.15
N ILE C 141 18.47 24.57 2.86
CA ILE C 141 18.35 23.53 1.85
C ILE C 141 19.48 23.63 0.83
N GLY C 142 20.13 22.51 0.54
CA GLY C 142 21.09 22.44 -0.54
C GLY C 142 22.39 23.13 -0.22
N ASN C 143 23.09 23.55 -1.26
CA ASN C 143 24.40 24.21 -1.08
C ASN C 143 24.40 25.69 -1.45
N SER C 144 23.21 26.24 -1.72
CA SER C 144 23.06 27.64 -2.08
C SER C 144 21.83 28.22 -1.39
N VAL C 145 21.79 29.54 -1.30
CA VAL C 145 20.68 30.24 -0.66
C VAL C 145 19.35 29.97 -1.38
N THR C 146 18.28 29.76 -0.61
CA THR C 146 16.93 29.68 -1.19
C THR C 146 16.05 30.67 -0.50
N TRP C 147 14.84 30.86 -1.01
CA TRP C 147 13.91 31.76 -0.35
C TRP C 147 13.45 31.26 1.03
N ALA C 148 13.70 29.99 1.34
CA ALA C 148 13.49 29.49 2.71
C ALA C 148 14.41 30.22 3.70
N ASP C 149 15.66 30.45 3.31
CA ASP C 149 16.58 31.23 4.16
C ASP C 149 16.13 32.69 4.35
N PHE C 150 15.64 33.29 3.27
CA PHE C 150 15.00 34.60 3.33
C PHE C 150 13.86 34.65 4.35
N TYR C 151 13.01 33.63 4.31
CA TYR C 151 11.88 33.58 5.22
C TYR C 151 12.31 33.37 6.67
N TRP C 152 13.35 32.56 6.88
CA TRP C 152 13.91 32.42 8.20
C TRP C 152 14.36 33.80 8.75
N GLU C 153 15.11 34.53 7.95
CA GLU C 153 15.59 35.84 8.39
C GLU C 153 14.44 36.79 8.73
N ILE C 154 13.40 36.77 7.90
CA ILE C 154 12.23 37.64 8.05
C ILE C 154 11.41 37.27 9.29
N CYS C 155 11.11 35.98 9.43
CA CYS C 155 10.32 35.49 10.56
C CYS C 155 11.09 35.69 11.87
N SER C 156 12.38 35.41 11.87
CA SER C 156 13.18 35.55 13.09
C SER C 156 13.28 37.01 13.51
N THR C 157 13.35 37.92 12.54
CA THR C 157 13.39 39.37 12.83
C THR C 157 12.12 39.79 13.58
N THR C 158 10.98 39.31 13.13
CA THR C 158 9.75 39.62 13.85
C THR C 158 9.74 38.96 15.24
N LEU C 159 10.15 37.70 15.34
CA LEU C 159 10.11 37.03 16.64
C LEU C 159 11.01 37.73 17.65
N LEU C 160 12.13 38.25 17.19
CA LEU C 160 13.10 38.93 18.06
C LEU C 160 12.56 40.22 18.67
N VAL C 161 11.58 40.85 18.03
CA VAL C 161 10.87 42.01 18.61
C VAL C 161 10.23 41.63 19.95
N PHE C 162 9.69 40.41 20.02
CA PHE C 162 8.91 39.95 21.17
C PHE C 162 9.70 39.07 22.14
N LYS C 163 10.80 38.49 21.64
CA LYS C 163 11.61 37.57 22.43
C LYS C 163 13.08 37.75 22.04
N PRO C 164 13.71 38.81 22.56
CA PRO C 164 15.11 39.10 22.20
C PRO C 164 16.10 37.95 22.43
N ASP C 165 15.83 37.06 23.39
CA ASP C 165 16.77 35.96 23.69
C ASP C 165 16.48 34.66 22.92
N LEU C 166 15.67 34.78 21.88
CA LEU C 166 15.23 33.65 21.05
C LEU C 166 16.37 32.71 20.64
N LEU C 167 17.49 33.30 20.23
CA LEU C 167 18.57 32.55 19.59
C LEU C 167 19.84 32.51 20.43
N ASP C 168 19.70 32.67 21.75
CA ASP C 168 20.82 32.58 22.69
C ASP C 168 21.55 31.25 22.59
N ASN C 169 20.78 30.16 22.48
CA ASN C 169 21.32 28.81 22.43
C ASN C 169 21.61 28.32 21.01
N HIS C 170 21.48 29.20 20.02
CA HIS C 170 21.51 28.77 18.61
C HIS C 170 22.35 29.68 17.73
N PRO C 171 23.67 29.72 17.97
CA PRO C 171 24.52 30.58 17.14
C PRO C 171 24.47 30.30 15.62
N ARG C 172 24.25 29.05 15.23
CA ARG C 172 24.20 28.72 13.81
C ARG C 172 23.00 29.35 13.11
N LEU C 173 21.92 29.57 13.87
CA LEU C 173 20.74 30.24 13.32
C LEU C 173 20.97 31.74 13.19
N VAL C 174 21.76 32.29 14.11
CA VAL C 174 22.15 33.68 14.02
C VAL C 174 23.07 33.88 12.84
N THR C 175 24.03 32.96 12.67
CA THR C 175 24.95 33.03 11.54
C THR C 175 24.19 33.04 10.22
N LEU C 176 23.20 32.15 10.09
CA LEU C 176 22.37 32.14 8.89
C LEU C 176 21.61 33.45 8.67
N ARG C 177 21.05 34.02 9.72
CA ARG C 177 20.47 35.36 9.61
C ARG C 177 21.47 36.36 9.01
N LYS C 178 22.70 36.35 9.54
CA LYS C 178 23.70 37.33 9.11
C LYS C 178 24.13 37.08 7.69
N LYS C 179 24.23 35.82 7.30
CA LYS C 179 24.58 35.46 5.92
C LYS C 179 23.53 36.01 4.96
N VAL C 180 22.25 35.89 5.34
CA VAL C 180 21.17 36.38 4.50
C VAL C 180 21.26 37.90 4.41
N GLN C 181 21.43 38.55 5.54
CA GLN C 181 21.53 40.01 5.60
C GLN C 181 22.74 40.57 4.85
N ALA C 182 23.76 39.76 4.64
CA ALA C 182 24.98 40.23 3.99
C ALA C 182 24.93 40.13 2.45
N ILE C 183 23.95 39.41 1.91
CA ILE C 183 23.77 39.37 0.48
C ILE C 183 23.54 40.83 0.03
N PRO C 184 24.40 41.35 -0.87
CA PRO C 184 24.34 42.80 -1.11
C PRO C 184 22.97 43.37 -1.47
N ALA C 185 22.20 42.68 -2.31
CA ALA C 185 20.87 43.13 -2.70
C ALA C 185 19.90 43.19 -1.52
N VAL C 186 20.04 42.22 -0.61
CA VAL C 186 19.22 42.16 0.59
C VAL C 186 19.69 43.24 1.57
N ALA C 187 21.00 43.25 1.86
CA ALA C 187 21.61 44.27 2.72
C ALA C 187 21.12 45.67 2.33
N ASN C 188 21.15 45.95 1.04
CA ASN C 188 20.71 47.22 0.49
C ASN C 188 19.22 47.49 0.77
N TRP C 189 18.38 46.47 0.54
CA TRP C 189 16.94 46.61 0.82
C TRP C 189 16.66 46.87 2.31
N ILE C 190 17.38 46.18 3.19
CA ILE C 190 17.18 46.37 4.63
C ILE C 190 17.48 47.81 5.03
N LYS C 191 18.51 48.38 4.44
CA LYS C 191 18.89 49.77 4.70
C LYS C 191 17.87 50.76 4.14
N ARG C 192 17.31 50.43 2.97
CA ARG C 192 16.42 51.32 2.22
C ARG C 192 14.97 51.31 2.69
N ARG C 193 14.53 50.21 3.29
CA ARG C 193 13.11 50.02 3.54
C ARG C 193 12.60 50.89 4.67
N PRO C 194 11.30 51.22 4.64
CA PRO C 194 10.70 51.95 5.74
C PRO C 194 10.88 51.23 7.07
N GLN C 195 11.37 51.95 8.07
CA GLN C 195 11.54 51.39 9.40
C GLN C 195 10.17 51.29 10.04
N THR C 196 9.70 50.06 10.21
CA THR C 196 8.43 49.81 10.86
C THR C 196 8.66 48.84 12.00
N LYS C 197 7.71 48.78 12.93
CA LYS C 197 7.81 47.83 14.03
C LYS C 197 7.78 46.41 13.52
N LEU C 198 6.78 46.14 12.68
CA LEU C 198 6.51 44.78 12.19
C LEU C 198 6.58 44.71 10.67
N PRO D 1 10.01 5.88 -6.99
CA PRO D 1 10.50 5.52 -5.66
C PRO D 1 9.48 4.75 -4.83
N ASN D 2 9.89 4.30 -3.65
CA ASN D 2 9.01 3.74 -2.65
C ASN D 2 8.53 4.88 -1.77
N TYR D 3 7.22 4.92 -1.52
CA TYR D 3 6.58 5.95 -0.73
C TYR D 3 5.98 5.36 0.56
N LYS D 4 6.15 6.05 1.68
CA LYS D 4 5.45 5.67 2.93
C LYS D 4 4.93 6.95 3.55
N LEU D 5 3.60 7.05 3.60
CA LEU D 5 2.90 8.18 4.20
C LEU D 5 2.61 7.81 5.65
N THR D 6 3.01 8.67 6.60
CA THR D 6 2.66 8.44 8.01
C THR D 6 1.71 9.54 8.50
N TYR D 7 0.58 9.13 9.08
CA TYR D 7 -0.39 10.05 9.64
C TYR D 7 -1.25 9.24 10.63
N PHE D 8 -2.18 9.91 11.30
CA PHE D 8 -3.19 9.26 12.13
C PHE D 8 -4.20 8.53 11.25
N ASN D 9 -5.03 7.71 11.88
CA ASN D 9 -6.16 7.11 11.22
C ASN D 9 -7.28 8.13 11.13
N MET D 10 -7.13 9.06 10.18
CA MET D 10 -8.02 10.18 9.97
C MET D 10 -7.79 10.61 8.53
N ARG D 11 -8.75 11.30 7.96
CA ARG D 11 -8.48 12.01 6.69
C ARG D 11 -7.51 13.16 6.98
N GLY D 12 -8.00 14.17 7.69
CA GLY D 12 -7.17 15.25 8.20
C GLY D 12 -6.25 15.82 7.14
N ARG D 13 -5.01 16.07 7.52
CA ARG D 13 -4.06 16.75 6.63
C ARG D 13 -3.31 15.80 5.70
N ALA D 14 -3.56 14.50 5.82
CA ALA D 14 -2.98 13.54 4.92
C ALA D 14 -3.84 13.36 3.69
N GLU D 15 -5.13 13.67 3.79
CA GLU D 15 -6.07 13.23 2.78
C GLU D 15 -5.77 13.76 1.39
N ILE D 16 -5.29 14.99 1.31
CA ILE D 16 -4.97 15.57 0.03
C ILE D 16 -3.90 14.72 -0.66
N ILE D 17 -2.97 14.20 0.11
CA ILE D 17 -1.89 13.35 -0.43
C ILE D 17 -2.48 12.04 -0.92
N ARG D 18 -3.42 11.49 -0.15
CA ARG D 18 -4.04 10.21 -0.49
C ARG D 18 -4.86 10.36 -1.77
N TYR D 19 -5.53 11.49 -1.95
CA TYR D 19 -6.28 11.70 -3.20
C TYR D 19 -5.34 11.75 -4.38
N ILE D 20 -4.18 12.37 -4.22
CA ILE D 20 -3.28 12.59 -5.35
C ILE D 20 -2.72 11.22 -5.77
N PHE D 21 -2.33 10.41 -4.79
CA PHE D 21 -1.84 9.08 -5.09
C PHE D 21 -2.91 8.25 -5.78
N ALA D 22 -4.16 8.38 -5.33
CA ALA D 22 -5.26 7.66 -5.97
C ALA D 22 -5.46 8.12 -7.40
N TYR D 23 -5.52 9.42 -7.61
CA TYR D 23 -5.77 9.97 -8.94
C TYR D 23 -4.67 9.59 -9.95
N LEU D 24 -3.43 9.64 -9.50
CA LEU D 24 -2.30 9.30 -10.34
C LEU D 24 -2.03 7.79 -10.43
N ASP D 25 -2.78 6.99 -9.68
CA ASP D 25 -2.62 5.53 -9.65
C ASP D 25 -1.18 5.16 -9.27
N ILE D 26 -0.75 5.71 -8.15
CA ILE D 26 0.57 5.46 -7.59
C ILE D 26 0.41 4.69 -6.28
N GLN D 27 1.13 3.58 -6.21
CA GLN D 27 1.15 2.76 -5.01
C GLN D 27 1.98 3.43 -3.94
N TYR D 28 1.50 3.27 -2.71
CA TYR D 28 2.17 3.81 -1.55
C TYR D 28 1.73 3.07 -0.29
N GLU D 29 2.54 3.15 0.77
CA GLU D 29 2.17 2.60 2.05
C GLU D 29 1.46 3.67 2.85
N ASP D 30 0.17 3.44 3.10
CA ASP D 30 -0.65 4.36 3.86
C ASP D 30 -0.57 3.94 5.34
N HIS D 31 0.47 4.42 6.01
CA HIS D 31 0.77 4.01 7.39
C HIS D 31 -0.04 4.86 8.35
N ARG D 32 -0.95 4.23 9.07
CA ARG D 32 -1.82 4.94 9.98
C ARG D 32 -1.48 4.57 11.42
N ILE D 33 -1.12 5.58 12.20
CA ILE D 33 -0.68 5.35 13.58
C ILE D 33 -1.78 5.65 14.58
N GLU D 34 -1.67 5.04 15.76
CA GLU D 34 -2.55 5.32 16.89
C GLU D 34 -1.89 6.36 17.79
N GLN D 35 -2.69 7.06 18.59
CA GLN D 35 -2.17 7.98 19.60
C GLN D 35 -1.04 7.33 20.39
N ALA D 36 -1.27 6.09 20.80
CA ALA D 36 -0.29 5.30 21.57
C ALA D 36 1.08 5.29 20.91
N ASP D 37 1.13 5.28 19.57
CA ASP D 37 2.37 5.25 18.80
C ASP D 37 3.10 6.60 18.75
N TRP D 38 2.37 7.67 19.04
CA TRP D 38 2.80 9.03 18.66
C TRP D 38 4.17 9.44 19.23
N PRO D 39 4.39 9.23 20.54
CA PRO D 39 5.65 9.74 21.06
C PRO D 39 6.87 9.13 20.39
N GLU D 40 6.84 7.84 20.06
CA GLU D 40 8.00 7.22 19.45
C GLU D 40 8.16 7.73 18.01
N ILE D 41 7.04 7.87 17.32
CA ILE D 41 7.05 8.36 15.94
C ILE D 41 7.59 9.80 15.92
N LYS D 42 7.08 10.63 16.83
CA LYS D 42 7.40 12.05 16.84
C LYS D 42 8.91 12.33 16.97
N SER D 43 9.57 11.55 17.81
CA SER D 43 11.00 11.71 18.09
C SER D 43 11.88 11.72 16.84
N THR D 44 11.40 11.10 15.75
CA THR D 44 12.17 11.05 14.50
C THR D 44 11.70 12.02 13.40
N LEU D 45 10.67 12.81 13.68
CA LEU D 45 10.13 13.75 12.70
C LEU D 45 10.97 15.04 12.73
N PRO D 46 11.06 15.73 11.57
CA PRO D 46 11.96 16.88 11.49
C PRO D 46 11.45 18.05 12.31
N PHE D 47 10.14 18.19 12.37
CA PHE D 47 9.56 19.28 13.10
C PHE D 47 8.44 18.83 14.02
N GLY D 48 8.49 17.56 14.40
CA GLY D 48 7.53 17.00 15.35
C GLY D 48 6.10 17.00 14.85
N LYS D 49 5.91 16.96 13.53
CA LYS D 49 4.54 17.02 12.98
C LYS D 49 4.35 16.00 11.87
N ILE D 50 3.12 15.49 11.81
CA ILE D 50 2.66 14.66 10.69
C ILE D 50 1.57 15.40 9.91
N PRO D 51 1.38 15.05 8.62
CA PRO D 51 2.00 13.91 7.94
C PRO D 51 3.44 14.11 7.54
N ILE D 52 4.12 12.99 7.31
CA ILE D 52 5.37 12.98 6.58
C ILE D 52 5.25 11.94 5.47
N LEU D 53 6.03 12.12 4.42
CA LEU D 53 6.10 11.13 3.35
C LEU D 53 7.57 10.78 3.19
N GLU D 54 7.89 9.50 3.40
CA GLU D 54 9.25 8.98 3.15
C GLU D 54 9.33 8.55 1.70
N VAL D 55 10.35 9.05 0.99
CA VAL D 55 10.53 8.81 -0.44
C VAL D 55 11.94 8.22 -0.60
N ASP D 56 12.03 6.96 -1.00
CA ASP D 56 13.32 6.25 -1.03
C ASP D 56 14.25 6.60 0.13
N GLY D 57 13.71 6.55 1.34
CA GLY D 57 14.52 6.69 2.53
C GLY D 57 14.70 8.09 3.08
N LEU D 58 14.20 9.08 2.36
CA LEU D 58 14.32 10.49 2.76
C LEU D 58 12.96 11.02 3.14
N THR D 59 12.94 11.89 4.14
CA THR D 59 11.68 12.35 4.69
C THR D 59 11.30 13.72 4.14
N LEU D 60 10.08 13.78 3.65
CA LEU D 60 9.39 15.02 3.33
C LEU D 60 8.36 15.31 4.44
N HIS D 61 8.12 16.59 4.71
CA HIS D 61 7.08 17.00 5.60
C HIS D 61 6.29 18.17 5.01
N GLN D 62 5.20 18.54 5.70
CA GLN D 62 4.24 19.59 5.32
C GLN D 62 3.31 19.10 4.23
N SER D 63 2.04 18.86 4.61
CA SER D 63 1.09 18.22 3.71
C SER D 63 1.03 18.88 2.36
N LEU D 64 0.98 20.21 2.31
CA LEU D 64 0.79 20.90 1.06
C LEU D 64 2.08 20.99 0.24
N ALA D 65 3.21 21.10 0.92
CA ALA D 65 4.50 20.91 0.23
C ALA D 65 4.58 19.54 -0.47
N ILE D 66 4.15 18.50 0.21
CA ILE D 66 4.22 17.14 -0.34
C ILE D 66 3.25 17.03 -1.51
N ALA D 67 2.03 17.53 -1.31
CA ALA D 67 1.03 17.57 -2.38
C ALA D 67 1.56 18.23 -3.65
N ARG D 68 2.18 19.41 -3.50
CA ARG D 68 2.75 20.13 -4.62
C ARG D 68 3.84 19.30 -5.28
N TYR D 69 4.65 18.65 -4.47
CA TYR D 69 5.73 17.83 -5.02
C TYR D 69 5.18 16.66 -5.86
N LEU D 70 4.14 15.99 -5.36
CA LEU D 70 3.55 14.85 -6.04
C LEU D 70 2.84 15.24 -7.34
N THR D 71 2.35 16.48 -7.40
CA THR D 71 1.59 16.92 -8.59
C THR D 71 2.46 17.61 -9.64
N LYS D 72 3.73 17.86 -9.31
CA LYS D 72 4.62 18.49 -10.29
C LYS D 72 4.70 17.61 -11.54
N ASN D 73 4.63 18.25 -12.70
CA ASN D 73 4.71 17.53 -13.98
C ASN D 73 3.53 16.57 -14.21
N THR D 74 2.42 16.81 -13.52
CA THR D 74 1.19 16.06 -13.77
C THR D 74 0.09 17.05 -14.18
N ASP D 75 -1.01 16.50 -14.67
CA ASP D 75 -2.16 17.30 -15.08
C ASP D 75 -2.89 17.93 -13.91
N LEU D 76 -2.58 17.52 -12.67
CA LEU D 76 -3.17 18.15 -11.49
C LEU D 76 -2.55 19.48 -11.05
N ALA D 77 -1.39 19.84 -11.60
CA ALA D 77 -0.62 21.00 -11.10
C ALA D 77 -1.16 22.40 -11.45
N GLY D 78 -1.84 22.50 -12.57
CA GLY D 78 -2.10 23.79 -13.20
C GLY D 78 -1.27 23.85 -14.47
N ASN D 79 -1.86 24.38 -15.53
CA ASN D 79 -1.29 24.23 -16.88
C ASN D 79 -0.18 25.23 -17.17
N THR D 80 -0.19 26.35 -16.44
CA THR D 80 0.80 27.40 -16.59
C THR D 80 1.35 27.77 -15.22
N GLU D 81 2.42 28.55 -15.21
CA GLU D 81 3.01 29.03 -13.97
C GLU D 81 2.03 29.93 -13.22
N MET D 82 1.26 30.70 -13.98
CA MET D 82 0.23 31.56 -13.40
C MET D 82 -0.89 30.73 -12.74
N GLU D 83 -1.38 29.72 -13.46
CA GLU D 83 -2.43 28.87 -12.91
C GLU D 83 -1.89 28.08 -11.72
N GLN D 84 -0.63 27.66 -11.77
CA GLN D 84 -0.01 27.00 -10.61
C GLN D 84 -0.02 27.92 -9.38
N CYS D 85 0.19 29.22 -9.59
CA CYS D 85 0.09 30.20 -8.51
C CYS D 85 -1.34 30.27 -7.98
N HIS D 86 -2.32 30.31 -8.86
CA HIS D 86 -3.72 30.31 -8.44
C HIS D 86 -4.07 29.04 -7.63
N VAL D 87 -3.55 27.89 -8.07
CA VAL D 87 -3.77 26.64 -7.33
C VAL D 87 -3.24 26.75 -5.91
N ASP D 88 -1.98 27.17 -5.79
CA ASP D 88 -1.35 27.36 -4.48
C ASP D 88 -2.17 28.32 -3.63
N ALA D 89 -2.60 29.42 -4.23
CA ALA D 89 -3.31 30.48 -3.52
C ALA D 89 -4.67 29.99 -2.98
N ILE D 90 -5.43 29.28 -3.80
CA ILE D 90 -6.73 28.74 -3.33
C ILE D 90 -6.51 27.76 -2.19
N VAL D 91 -5.51 26.91 -2.35
CA VAL D 91 -5.20 25.92 -1.31
C VAL D 91 -4.83 26.60 0.00
N ASP D 92 -3.96 27.61 -0.06
CA ASP D 92 -3.58 28.31 1.16
C ASP D 92 -4.77 29.06 1.78
N THR D 93 -5.64 29.61 0.94
CA THR D 93 -6.85 30.29 1.43
C THR D 93 -7.75 29.31 2.20
N LEU D 94 -7.91 28.12 1.65
CA LEU D 94 -8.66 27.08 2.34
C LEU D 94 -7.94 26.65 3.61
N ASP D 95 -6.64 26.41 3.50
CA ASP D 95 -5.86 25.94 4.64
C ASP D 95 -5.87 26.95 5.79
N ASP D 96 -5.74 28.23 5.46
CA ASP D 96 -5.80 29.30 6.45
C ASP D 96 -7.09 29.22 7.26
N PHE D 97 -8.22 28.99 6.59
CA PHE D 97 -9.47 28.89 7.31
C PHE D 97 -9.55 27.64 8.17
N MET D 98 -9.16 26.50 7.63
CA MET D 98 -9.18 25.26 8.39
C MET D 98 -8.33 25.41 9.66
N SER D 99 -7.20 26.11 9.56
CA SER D 99 -6.30 26.34 10.69
C SER D 99 -6.87 27.26 11.77
N CYS D 100 -7.95 28.00 11.49
CA CYS D 100 -8.64 28.82 12.51
C CYS D 100 -9.33 27.98 13.58
N PHE D 101 -9.65 26.73 13.27
CA PHE D 101 -10.45 25.92 14.18
C PHE D 101 -9.57 25.35 15.29
N PRO D 102 -10.08 25.37 16.53
CA PRO D 102 -9.33 24.88 17.69
C PRO D 102 -9.46 23.36 17.82
N TRP D 103 -8.83 22.64 16.90
CA TRP D 103 -8.96 21.19 16.80
C TRP D 103 -8.46 20.50 18.06
N ALA D 104 -7.47 21.09 18.71
CA ALA D 104 -6.83 20.47 19.87
C ALA D 104 -7.31 21.03 21.23
N GLU D 105 -8.32 21.90 21.21
CA GLU D 105 -8.89 22.44 22.45
C GLU D 105 -9.51 21.32 23.31
N LYS D 106 -9.09 21.28 24.57
CA LYS D 106 -9.51 20.25 25.53
C LYS D 106 -10.91 20.50 26.09
N LYS D 107 -11.20 21.77 26.40
CA LYS D 107 -12.52 22.15 26.95
C LYS D 107 -13.59 22.10 25.87
N GLN D 108 -14.45 21.08 25.92
CA GLN D 108 -15.41 20.82 24.85
C GLN D 108 -16.41 21.96 24.62
N ASP D 109 -16.90 22.57 25.70
CA ASP D 109 -17.85 23.70 25.59
C ASP D 109 -17.24 24.90 24.88
N VAL D 110 -15.99 25.22 25.20
CA VAL D 110 -15.26 26.28 24.53
C VAL D 110 -15.06 25.91 23.07
N LYS D 111 -14.56 24.70 22.84
CA LYS D 111 -14.35 24.18 21.47
C LYS D 111 -15.60 24.32 20.62
N GLU D 112 -16.73 23.85 21.16
CA GLU D 112 -17.99 23.87 20.43
C GLU D 112 -18.41 25.30 20.09
N GLN D 113 -18.33 26.20 21.07
CA GLN D 113 -18.73 27.58 20.85
C GLN D 113 -17.88 28.20 19.72
N MET D 114 -16.57 27.98 19.79
CA MET D 114 -15.69 28.56 18.80
C MET D 114 -15.98 28.01 17.41
N PHE D 115 -16.20 26.70 17.29
CA PHE D 115 -16.56 26.12 15.98
C PHE D 115 -17.84 26.77 15.44
N ASN D 116 -18.83 26.92 16.30
CA ASN D 116 -20.13 27.44 15.87
C ASN D 116 -20.03 28.90 15.47
N GLU D 117 -19.26 29.70 16.19
CA GLU D 117 -19.03 31.08 15.80
C GLU D 117 -18.29 31.16 14.45
N LEU D 118 -17.22 30.39 14.29
CA LEU D 118 -16.47 30.39 13.02
C LEU D 118 -17.33 29.99 11.83
N LEU D 119 -18.16 28.96 12.02
CA LEU D 119 -18.98 28.45 10.92
C LEU D 119 -20.18 29.36 10.62
N THR D 120 -20.64 30.09 11.63
CA THR D 120 -21.77 31.01 11.44
C THR D 120 -21.36 32.41 11.02
N TYR D 121 -20.35 32.98 11.66
CA TYR D 121 -19.97 34.38 11.39
C TYR D 121 -18.84 34.56 10.38
N ASN D 122 -18.00 33.55 10.22
CA ASN D 122 -16.82 33.69 9.36
C ASN D 122 -16.95 32.92 8.05
N ALA D 123 -17.36 31.66 8.12
CA ALA D 123 -17.43 30.79 6.94
C ALA D 123 -18.23 31.37 5.76
N PRO D 124 -19.38 32.00 6.02
CA PRO D 124 -20.19 32.46 4.87
C PRO D 124 -19.46 33.43 3.95
N HIS D 125 -18.57 34.25 4.51
CA HIS D 125 -17.77 35.18 3.75
C HIS D 125 -16.80 34.44 2.82
N LEU D 126 -16.16 33.40 3.34
CA LEU D 126 -15.29 32.57 2.51
C LEU D 126 -16.08 31.83 1.44
N MET D 127 -17.19 31.24 1.83
CA MET D 127 -18.01 30.52 0.87
C MET D 127 -18.44 31.46 -0.26
N GLN D 128 -18.80 32.69 0.07
CA GLN D 128 -19.21 33.65 -0.96
C GLN D 128 -18.03 34.02 -1.87
N ASP D 129 -16.87 34.27 -1.27
CA ASP D 129 -15.67 34.57 -2.05
C ASP D 129 -15.33 33.40 -2.98
N LEU D 130 -15.41 32.15 -2.49
CA LEU D 130 -15.11 30.98 -3.32
C LEU D 130 -16.08 30.84 -4.48
N ASP D 131 -17.37 31.01 -4.18
CA ASP D 131 -18.41 30.92 -5.21
C ASP D 131 -18.20 31.97 -6.30
N THR D 132 -17.91 33.19 -5.88
CA THR D 132 -17.65 34.30 -6.83
C THR D 132 -16.41 33.98 -7.67
N TYR D 133 -15.37 33.44 -7.04
CA TYR D 133 -14.15 33.06 -7.73
C TYR D 133 -14.43 31.98 -8.76
N LEU D 134 -15.25 31.00 -8.39
CA LEU D 134 -15.58 29.89 -9.29
C LEU D 134 -16.45 30.39 -10.45
N GLY D 135 -17.36 31.32 -10.17
CA GLY D 135 -18.27 31.80 -11.21
C GLY D 135 -19.00 30.60 -11.79
N GLY D 136 -19.15 30.58 -13.11
CA GLY D 136 -19.84 29.48 -13.77
C GLY D 136 -18.89 28.46 -14.40
N ARG D 137 -17.63 28.50 -13.98
CA ARG D 137 -16.62 27.59 -14.50
C ARG D 137 -16.76 26.20 -13.90
N GLU D 138 -16.21 25.22 -14.61
CA GLU D 138 -16.34 23.82 -14.26
C GLU D 138 -15.44 23.47 -13.07
N TRP D 139 -14.23 24.00 -13.10
CA TRP D 139 -13.23 23.75 -12.04
C TRP D 139 -12.70 25.08 -11.55
N LEU D 140 -12.11 25.09 -10.36
CA LEU D 140 -11.63 26.32 -9.76
C LEU D 140 -10.56 27.02 -10.60
N ILE D 141 -9.65 26.23 -11.18
CA ILE D 141 -8.55 26.74 -12.01
C ILE D 141 -8.47 26.03 -13.36
N GLY D 142 -8.40 26.83 -14.43
CA GLY D 142 -8.22 26.29 -15.77
C GLY D 142 -9.45 25.58 -16.28
N ASN D 143 -9.24 24.62 -17.16
CA ASN D 143 -10.34 23.90 -17.80
C ASN D 143 -10.36 22.43 -17.42
N SER D 144 -9.52 22.05 -16.45
CA SER D 144 -9.53 20.68 -15.99
C SER D 144 -9.20 20.66 -14.49
N VAL D 145 -9.49 19.52 -13.89
CA VAL D 145 -9.34 19.37 -12.43
C VAL D 145 -7.90 19.62 -11.97
N THR D 146 -7.76 20.26 -10.81
CA THR D 146 -6.44 20.42 -10.19
C THR D 146 -6.58 19.93 -8.76
N TRP D 147 -5.45 19.84 -8.09
CA TRP D 147 -5.50 19.47 -6.70
C TRP D 147 -6.15 20.55 -5.81
N ALA D 148 -6.31 21.79 -6.30
CA ALA D 148 -7.16 22.79 -5.60
C ALA D 148 -8.62 22.31 -5.49
N ASP D 149 -9.16 21.72 -6.57
CA ASP D 149 -10.51 21.12 -6.52
C ASP D 149 -10.58 20.01 -5.47
N PHE D 150 -9.55 19.16 -5.45
CA PHE D 150 -9.44 18.12 -4.44
C PHE D 150 -9.48 18.72 -3.06
N TYR D 151 -8.73 19.79 -2.86
CA TYR D 151 -8.64 20.33 -1.49
C TYR D 151 -9.97 20.98 -1.08
N TRP D 152 -10.66 21.59 -2.03
CA TRP D 152 -12.02 22.10 -1.74
C TRP D 152 -12.92 20.98 -1.25
N GLU D 153 -12.91 19.85 -1.96
CA GLU D 153 -13.78 18.77 -1.60
C GLU D 153 -13.41 18.20 -0.24
N ILE D 154 -12.12 18.13 0.05
CA ILE D 154 -11.66 17.60 1.32
C ILE D 154 -12.03 18.52 2.49
N CYS D 155 -11.74 19.78 2.33
CA CYS D 155 -11.99 20.76 3.41
C CYS D 155 -13.48 20.89 3.68
N SER D 156 -14.28 20.94 2.61
CA SER D 156 -15.73 21.08 2.73
C SER D 156 -16.37 19.84 3.35
N THR D 157 -15.80 18.67 3.11
CA THR D 157 -16.34 17.45 3.68
C THR D 157 -16.27 17.56 5.19
N THR D 158 -15.14 18.00 5.68
CA THR D 158 -14.98 18.17 7.13
C THR D 158 -15.85 19.30 7.70
N LEU D 159 -15.92 20.43 6.99
CA LEU D 159 -16.74 21.56 7.48
C LEU D 159 -18.21 21.16 7.55
N LEU D 160 -18.68 20.40 6.58
CA LEU D 160 -20.09 19.96 6.53
C LEU D 160 -20.46 19.03 7.68
N VAL D 161 -19.48 18.39 8.30
CA VAL D 161 -19.75 17.56 9.50
C VAL D 161 -20.29 18.47 10.59
N PHE D 162 -19.68 19.64 10.71
CA PHE D 162 -20.00 20.56 11.80
C PHE D 162 -21.04 21.59 11.45
N LYS D 163 -21.30 21.79 10.17
CA LYS D 163 -22.25 22.78 9.70
C LYS D 163 -22.90 22.22 8.44
N PRO D 164 -23.90 21.38 8.61
CA PRO D 164 -24.56 20.74 7.49
C PRO D 164 -25.11 21.69 6.42
N ASP D 165 -25.55 22.89 6.79
CA ASP D 165 -26.15 23.82 5.83
C ASP D 165 -25.14 24.77 5.19
N LEU D 166 -23.85 24.49 5.40
CA LEU D 166 -22.78 25.38 4.94
C LEU D 166 -23.00 25.86 3.52
N LEU D 167 -23.44 24.96 2.64
CA LEU D 167 -23.46 25.25 1.22
C LEU D 167 -24.86 25.42 0.66
N ASP D 168 -25.85 25.62 1.52
CA ASP D 168 -27.24 25.78 1.04
C ASP D 168 -27.45 26.99 0.13
N ASN D 169 -26.64 28.04 0.29
CA ASN D 169 -26.71 29.20 -0.58
C ASN D 169 -25.73 29.12 -1.77
N HIS D 170 -25.02 28.00 -1.91
CA HIS D 170 -23.95 27.89 -2.88
C HIS D 170 -24.00 26.57 -3.65
N PRO D 171 -25.08 26.34 -4.39
CA PRO D 171 -25.19 25.09 -5.14
C PRO D 171 -24.00 24.82 -6.09
N ARG D 172 -23.36 25.85 -6.61
CA ARG D 172 -22.25 25.67 -7.54
C ARG D 172 -21.03 25.05 -6.85
N LEU D 173 -20.86 25.35 -5.56
CA LEU D 173 -19.81 24.69 -4.75
C LEU D 173 -20.14 23.25 -4.43
N VAL D 174 -21.44 22.92 -4.34
CA VAL D 174 -21.88 21.55 -4.18
C VAL D 174 -21.63 20.78 -5.47
N THR D 175 -21.95 21.38 -6.60
CA THR D 175 -21.70 20.70 -7.87
C THR D 175 -20.21 20.38 -8.02
N LEU D 176 -19.36 21.32 -7.66
CA LEU D 176 -17.90 21.07 -7.73
C LEU D 176 -17.48 19.88 -6.87
N ARG D 177 -17.97 19.81 -5.63
CA ARG D 177 -17.77 18.64 -4.79
C ARG D 177 -18.15 17.34 -5.47
N LYS D 178 -19.34 17.34 -6.07
CA LYS D 178 -19.86 16.14 -6.73
C LYS D 178 -18.99 15.74 -7.92
N LYS D 179 -18.48 16.73 -8.63
CA LYS D 179 -17.63 16.44 -9.78
C LYS D 179 -16.32 15.81 -9.36
N VAL D 180 -15.71 16.31 -8.28
CA VAL D 180 -14.52 15.66 -7.72
C VAL D 180 -14.85 14.24 -7.27
N GLN D 181 -15.99 14.08 -6.60
CA GLN D 181 -16.37 12.78 -6.08
C GLN D 181 -16.68 11.74 -7.16
N ALA D 182 -17.00 12.20 -8.37
CA ALA D 182 -17.35 11.35 -9.51
C ALA D 182 -16.15 10.89 -10.31
N ILE D 183 -15.00 11.55 -10.13
CA ILE D 183 -13.80 11.13 -10.83
C ILE D 183 -13.54 9.68 -10.42
N PRO D 184 -13.47 8.74 -11.40
CA PRO D 184 -13.46 7.34 -10.97
C PRO D 184 -12.42 6.91 -9.92
N ALA D 185 -11.18 7.33 -10.06
CA ALA D 185 -10.13 6.95 -9.11
C ALA D 185 -10.41 7.55 -7.74
N VAL D 186 -11.02 8.72 -7.73
CA VAL D 186 -11.31 9.45 -6.48
C VAL D 186 -12.52 8.78 -5.84
N ALA D 187 -13.56 8.51 -6.64
CA ALA D 187 -14.71 7.78 -6.16
C ALA D 187 -14.32 6.45 -5.50
N ASN D 188 -13.40 5.73 -6.14
CA ASN D 188 -12.95 4.45 -5.62
C ASN D 188 -12.25 4.59 -4.26
N TRP D 189 -11.37 5.58 -4.13
CA TRP D 189 -10.70 5.84 -2.84
C TRP D 189 -11.72 6.21 -1.73
N ILE D 190 -12.63 7.11 -2.07
CA ILE D 190 -13.66 7.56 -1.14
C ILE D 190 -14.49 6.38 -0.61
N LYS D 191 -14.80 5.46 -1.51
CA LYS D 191 -15.59 4.28 -1.15
C LYS D 191 -14.81 3.33 -0.23
N ARG D 192 -13.51 3.22 -0.44
CA ARG D 192 -12.73 2.18 0.22
C ARG D 192 -11.97 2.66 1.44
N ARG D 193 -11.80 3.98 1.60
CA ARG D 193 -10.94 4.48 2.67
C ARG D 193 -11.57 4.20 4.02
N PRO D 194 -10.76 4.16 5.07
CA PRO D 194 -11.38 4.00 6.39
C PRO D 194 -12.35 5.12 6.73
N GLN D 195 -13.48 4.77 7.34
CA GLN D 195 -14.47 5.77 7.73
C GLN D 195 -14.12 6.36 9.06
N THR D 196 -13.75 7.63 9.04
CA THR D 196 -13.34 8.33 10.24
C THR D 196 -14.14 9.62 10.27
N LYS D 197 -14.32 10.16 11.47
CA LYS D 197 -15.08 11.39 11.63
C LYS D 197 -14.36 12.54 10.89
N LEU D 198 -13.06 12.67 11.15
CA LEU D 198 -12.25 13.76 10.60
C LEU D 198 -11.23 13.23 9.61
N1 GSH E . -0.11 -22.96 -8.46
CA1 GSH E . 0.77 -22.29 -9.39
C1 GSH E . 1.94 -21.65 -8.68
O11 GSH E . 3.02 -21.53 -9.29
O12 GSH E . 1.77 -21.29 -7.49
CB1 GSH E . -0.05 -21.25 -10.16
CG1 GSH E . 0.73 -20.51 -11.24
CD1 GSH E . -0.17 -19.55 -11.98
OE1 GSH E . -1.34 -19.84 -12.21
N2 GSH E . 0.39 -18.40 -12.39
CA2 GSH E . -0.32 -17.42 -13.21
C2 GSH E . -0.03 -17.65 -14.67
O2 GSH E . 1.11 -17.81 -15.06
CB2 GSH E . 0.13 -16.03 -12.83
SG2 GSH E . -0.06 -15.74 -11.05
N3 GSH E . -1.12 -17.65 -15.48
CA3 GSH E . -1.05 -17.89 -16.91
C3 GSH E . -1.17 -16.62 -17.71
O31 GSH E . -1.44 -16.72 -18.93
O32 GSH E . -0.96 -15.53 -17.13
C1 GOL F . 0.80 -0.65 -1.57
O1 GOL F . 0.08 -1.36 -2.58
C2 GOL F . 1.76 -1.57 -0.84
O2 GOL F . 2.56 -2.33 -1.75
C3 GOL F . 2.68 -0.75 0.04
O3 GOL F . 3.60 -1.61 0.73
C1 GOL G . 21.73 -10.32 -7.59
O1 GOL G . 22.52 -9.71 -6.56
C2 GOL G . 22.41 -10.15 -8.95
O2 GOL G . 23.81 -10.43 -8.87
C3 GOL G . 21.79 -11.12 -9.95
O3 GOL G . 22.42 -10.98 -11.23
MG MG H . -2.33 -26.70 -4.25
N1 GSH I . -6.54 -29.43 -1.01
CA1 GSH I . -7.25 -30.21 0.02
C1 GSH I . -6.73 -31.63 0.05
O11 GSH I . -6.26 -32.08 -1.02
O12 GSH I . -6.78 -32.29 1.13
CB1 GSH I . -8.74 -30.16 -0.27
CG1 GSH I . -9.59 -30.67 0.90
CD1 GSH I . -11.07 -30.57 0.54
OE1 GSH I . -11.54 -29.51 0.09
N2 GSH I . -11.80 -31.67 0.75
CA2 GSH I . -13.24 -31.69 0.52
C2 GSH I . -13.95 -31.34 1.80
O2 GSH I . -13.56 -31.82 2.86
CB2 GSH I . -13.70 -33.05 0.00
SG2 GSH I . -12.93 -33.49 -1.58
N3 GSH I . -14.93 -30.44 1.70
CA3 GSH I . -15.51 -29.78 2.85
C3 GSH I . -16.95 -30.16 3.04
O31 GSH I . -17.41 -31.10 2.33
O32 GSH I . -17.60 -29.53 3.90
N1 GSH J . -1.98 33.51 4.39
CA1 GSH J . -2.32 34.81 3.82
C1 GSH J . -1.13 35.38 3.09
O11 GSH J . -1.35 36.16 2.12
O12 GSH J . 0.02 35.04 3.46
CB1 GSH J . -2.76 35.73 4.94
CG1 GSH J . -3.38 37.03 4.41
CD1 GSH J . -3.94 37.85 5.55
OE1 GSH J . -4.61 37.33 6.44
N2 GSH J . -3.67 39.16 5.53
CA2 GSH J . -4.20 40.08 6.51
C2 GSH J . -5.42 40.76 5.93
O2 GSH J . -5.40 41.13 4.77
CB2 GSH J . -3.19 41.17 6.88
SG2 GSH J . -1.57 40.51 7.40
N3 GSH J . -6.46 40.99 6.73
CA3 GSH J . -7.57 41.78 6.25
C3 GSH J . -8.85 41.54 7.00
O31 GSH J . -9.03 40.43 7.53
O32 GSH J . -9.69 42.48 7.03
MG MG K . -0.15 27.85 5.26
N1 GSH L . 0.66 22.68 8.24
CA1 GSH L . 1.11 21.36 8.65
C1 GSH L . 0.75 20.34 7.60
O11 GSH L . -0.25 20.54 6.86
O12 GSH L . 1.51 19.33 7.47
CB1 GSH L . 0.49 21.03 10.00
CG1 GSH L . 0.95 19.66 10.54
CD1 GSH L . 0.35 19.44 11.91
OE1 GSH L . 0.17 20.40 12.64
N2 GSH L . 0.03 18.19 12.23
CA2 GSH L . -0.49 17.81 13.52
C2 GSH L . 0.59 17.31 14.42
O2 GSH L . 1.45 16.58 13.99
CB2 GSH L . -1.50 16.68 13.36
SG2 GSH L . -2.82 17.16 12.21
N3 GSH L . 0.50 17.69 15.70
CA3 GSH L . 1.47 17.27 16.70
C3 GSH L . 1.92 18.43 17.56
O31 GSH L . 1.29 19.52 17.47
O32 GSH L . 2.92 18.27 18.28
#